data_1UWK
#
_entry.id   1UWK
#
_cell.length_a   111.429
_cell.length_b   71.618
_cell.length_c   129.158
_cell.angle_alpha   90.00
_cell.angle_beta   98.75
_cell.angle_gamma   90.00
#
_symmetry.space_group_name_H-M   'C 1 2 1'
#
loop_
_entity.id
_entity.type
_entity.pdbx_description
1 polymer 'UROCANATE HYDRATASE'
2 non-polymer NICOTINAMIDE-ADENINE-DINUCLEOTIDE
3 non-polymer '(2E)-3-(1H-IMIDAZOL-4-YL)ACRYLIC ACID'
4 water water
#
_entity_poly.entity_id   1
_entity_poly.type   'polypeptide(L)'
_entity_poly.pdbx_seq_one_letter_code
;MTDNNKYRDVEIRAPRGNKLTAKSWLTEAPLRMLMNNLDPQVAENPKELVVYGGIGRAARNWECYDKIVETLTRLEDDET
LLVQSGKPVGVFKTHSNAPRVLIANSNLVPHWANWEHFNELDAKGLAMYGQMTAGSWIYIGSQGIVQGTYETFVEAGRQH
YGGSLKGKWVLTAGLGGMGGAQPLAATLAGACSLNIESQQSRIDFRLETRYVDEQATDLDDALVRIAKYTAEGKAISIAL
HGNAAEILPELVKRGVRPDMVTDQTSAHDPLNGYLPAGWTWEQYRDRAQTEPAAVVKAAKQSMAVHVQAMLDFQKQGVPT
FDYGNNIRQMAKEEGVADAFDFPGFVPAYIRPLFCRGVGPFRWAALSGEAEDIYKTDAKVKELIPDDAHLHRWLDMARER
ISFQGLPARICWVGLGLRAKLGLAFNEMVRSGELSAPVVIGRDHLDSGSVSSPNAETEAMRDGSDAVSDWPLLNALLNTA
GGATWVSLHHGGGVGMGFSQHSGMVIVCDGTDEAAERIARVLTNDPGTGVMRHADAGYDIAIDCAKEQGLDLPMITG
;
_entity_poly.pdbx_strand_id   A,B
#
loop_
_chem_comp.id
_chem_comp.type
_chem_comp.name
_chem_comp.formula
NAD non-polymer NICOTINAMIDE-ADENINE-DINUCLEOTIDE 'C21 H27 N7 O14 P2'
URO non-polymer '(2E)-3-(1H-IMIDAZOL-4-YL)ACRYLIC ACID' 'C6 H6 N2 O2'
#
# COMPACT_ATOMS: atom_id res chain seq x y z
N ASN A 4 -15.58 -18.76 -10.81
CA ASN A 4 -16.38 -17.59 -10.46
C ASN A 4 -17.81 -17.98 -10.03
N ASN A 5 -18.77 -17.89 -10.90
CA ASN A 5 -19.65 -17.12 -11.74
C ASN A 5 -19.93 -15.79 -11.01
N LYS A 6 -20.47 -14.72 -11.63
CA LYS A 6 -20.66 -13.55 -10.75
C LYS A 6 -22.15 -13.27 -10.65
N TYR A 7 -23.04 -14.04 -11.25
CA TYR A 7 -24.47 -13.86 -11.02
C TYR A 7 -25.06 -15.03 -10.23
N ARG A 8 -25.81 -14.77 -9.19
CA ARG A 8 -26.57 -15.82 -8.49
C ARG A 8 -27.90 -15.20 -8.06
N ASP A 9 -29.00 -15.89 -8.39
CA ASP A 9 -30.32 -15.31 -8.10
C ASP A 9 -30.74 -15.69 -6.68
N VAL A 10 -30.12 -15.00 -5.74
CA VAL A 10 -30.42 -15.23 -4.32
C VAL A 10 -30.55 -13.87 -3.63
N GLU A 11 -31.27 -13.87 -2.55
CA GLU A 11 -31.40 -12.72 -1.66
C GLU A 11 -30.62 -13.06 -0.39
N ILE A 12 -29.62 -12.22 -0.12
CA ILE A 12 -28.82 -12.37 1.06
C ILE A 12 -29.11 -11.27 2.08
N ARG A 13 -29.19 -11.66 3.35
CA ARG A 13 -29.41 -10.72 4.43
C ARG A 13 -28.62 -11.14 5.65
N ALA A 14 -28.23 -10.17 6.47
CA ALA A 14 -27.49 -10.60 7.63
C ALA A 14 -28.40 -11.39 8.57
N PRO A 15 -27.86 -12.42 9.20
CA PRO A 15 -28.61 -13.09 10.28
C PRO A 15 -28.80 -12.05 11.40
N ARG A 16 -29.85 -12.31 12.15
CA ARG A 16 -30.25 -11.38 13.18
C ARG A 16 -30.24 -11.99 14.58
N GLY A 17 -30.43 -11.16 15.61
CA GLY A 17 -30.57 -11.70 16.94
C GLY A 17 -29.27 -12.14 17.57
N ASN A 18 -29.36 -12.85 18.69
CA ASN A 18 -28.17 -13.04 19.51
C ASN A 18 -27.54 -14.39 19.35
N LYS A 19 -28.06 -15.25 18.47
CA LYS A 19 -27.35 -16.56 18.35
C LYS A 19 -26.41 -16.59 17.15
N LEU A 20 -25.27 -17.20 17.43
CA LEU A 20 -24.16 -17.22 16.50
C LEU A 20 -24.22 -18.39 15.52
N THR A 21 -23.70 -18.17 14.33
CA THR A 21 -23.35 -19.17 13.31
C THR A 21 -21.84 -19.42 13.37
N ALA A 22 -21.06 -18.35 13.51
CA ALA A 22 -19.61 -18.43 13.62
C ALA A 22 -19.23 -18.78 15.06
N LYS A 23 -17.96 -18.88 15.38
CA LYS A 23 -17.57 -19.35 16.71
C LYS A 23 -17.59 -18.30 17.80
N SER A 24 -17.60 -17.03 17.41
CA SER A 24 -17.56 -15.96 18.41
C SER A 24 -18.13 -14.68 17.77
N TRP A 25 -18.40 -13.68 18.62
CA TRP A 25 -18.92 -12.43 18.00
C TRP A 25 -17.88 -11.74 17.14
N LEU A 26 -16.60 -11.96 17.39
CA LEU A 26 -15.56 -11.30 16.61
C LEU A 26 -15.50 -11.89 15.20
N THR A 27 -15.99 -13.11 15.00
CA THR A 27 -16.04 -13.65 13.61
C THR A 27 -17.45 -13.61 13.05
N GLU A 28 -18.44 -13.64 13.93
CA GLU A 28 -19.82 -13.44 13.52
C GLU A 28 -19.99 -12.02 12.92
N ALA A 29 -19.33 -11.03 13.50
CA ALA A 29 -19.48 -9.66 13.00
C ALA A 29 -19.12 -9.48 11.53
N PRO A 30 -17.91 -9.87 11.09
CA PRO A 30 -17.63 -9.69 9.65
C PRO A 30 -18.53 -10.56 8.79
N LEU A 31 -18.93 -11.74 9.26
CA LEU A 31 -19.89 -12.55 8.54
C LEU A 31 -21.20 -11.80 8.28
N ARG A 32 -21.71 -11.21 9.38
CA ARG A 32 -22.97 -10.47 9.22
C ARG A 32 -22.83 -9.24 8.36
N MET A 33 -21.70 -8.53 8.50
CA MET A 33 -21.56 -7.29 7.76
C MET A 33 -21.30 -7.58 6.30
N LEU A 34 -20.61 -8.67 5.98
CA LEU A 34 -20.49 -9.09 4.56
C LEU A 34 -21.88 -9.33 3.99
N MET A 35 -22.71 -10.12 4.73
CA MET A 35 -24.06 -10.38 4.23
C MET A 35 -24.93 -9.13 4.15
N ASN A 36 -24.77 -8.23 5.13
CA ASN A 36 -25.51 -6.97 5.06
C ASN A 36 -25.15 -6.09 3.86
N ASN A 37 -23.87 -6.15 3.45
CA ASN A 37 -23.43 -5.42 2.26
C ASN A 37 -24.18 -5.86 1.02
N LEU A 38 -24.72 -7.11 1.07
CA LEU A 38 -25.44 -7.64 -0.06
C LEU A 38 -26.97 -7.64 0.10
N ASP A 39 -27.46 -7.06 1.19
CA ASP A 39 -28.90 -7.07 1.43
C ASP A 39 -29.60 -6.35 0.29
N PRO A 40 -30.73 -6.89 -0.23
CA PRO A 40 -31.42 -6.23 -1.35
C PRO A 40 -31.88 -4.80 -1.04
N GLN A 41 -32.03 -4.43 0.22
CA GLN A 41 -32.42 -3.07 0.63
C GLN A 41 -31.21 -2.20 0.79
N VAL A 42 -30.00 -2.75 0.73
CA VAL A 42 -28.75 -2.06 0.94
C VAL A 42 -27.94 -1.88 -0.36
N ALA A 43 -27.72 -2.94 -1.10
CA ALA A 43 -26.77 -2.99 -2.21
C ALA A 43 -27.42 -2.58 -3.52
N GLU A 44 -26.61 -1.99 -4.41
CA GLU A 44 -27.14 -1.61 -5.72
C GLU A 44 -27.45 -2.82 -6.63
N ASN A 45 -26.59 -3.85 -6.64
CA ASN A 45 -26.84 -5.00 -7.56
C ASN A 45 -26.25 -6.29 -7.00
N PRO A 46 -26.77 -6.72 -5.86
CA PRO A 46 -26.12 -7.79 -5.10
C PRO A 46 -26.20 -9.17 -5.74
N LYS A 47 -27.10 -9.38 -6.73
CA LYS A 47 -27.02 -10.71 -7.40
C LYS A 47 -25.76 -10.85 -8.20
N GLU A 48 -25.10 -9.74 -8.52
CA GLU A 48 -23.78 -9.74 -9.15
C GLU A 48 -22.69 -9.33 -8.17
N LEU A 49 -22.97 -9.37 -6.88
CA LEU A 49 -22.09 -9.07 -5.79
C LEU A 49 -21.74 -7.58 -5.70
N VAL A 50 -22.42 -6.73 -6.45
CA VAL A 50 -22.14 -5.27 -6.53
C VAL A 50 -22.90 -4.54 -5.43
N VAL A 51 -22.13 -3.78 -4.62
CA VAL A 51 -22.66 -3.00 -3.49
C VAL A 51 -22.95 -1.55 -3.91
N TYR A 52 -21.96 -0.84 -4.47
CA TYR A 52 -22.14 0.56 -4.91
C TYR A 52 -20.99 0.97 -5.81
N GLY A 53 -21.05 2.18 -6.33
CA GLY A 53 -19.81 2.80 -6.79
C GLY A 53 -19.25 2.14 -8.04
N GLY A 54 -20.07 1.93 -9.06
CA GLY A 54 -19.62 1.25 -10.28
C GLY A 54 -19.69 -0.25 -9.99
N ILE A 55 -18.55 -0.94 -10.12
CA ILE A 55 -18.51 -2.38 -9.84
C ILE A 55 -17.83 -2.65 -8.51
N GLY A 56 -18.11 -1.84 -7.49
CA GLY A 56 -17.57 -2.14 -6.14
C GLY A 56 -18.26 -3.37 -5.56
N ARG A 57 -17.48 -4.43 -5.31
CA ARG A 57 -18.04 -5.73 -4.95
C ARG A 57 -17.65 -6.14 -3.53
N ALA A 58 -18.46 -7.04 -2.97
CA ALA A 58 -18.21 -7.53 -1.60
C ALA A 58 -17.32 -8.77 -1.60
N ALA A 59 -17.28 -9.52 -2.70
CA ALA A 59 -16.42 -10.69 -2.84
C ALA A 59 -16.11 -10.90 -4.31
N ARG A 60 -15.08 -11.65 -4.65
CA ARG A 60 -14.63 -11.61 -6.06
C ARG A 60 -15.62 -12.21 -7.03
N ASN A 61 -16.27 -13.30 -6.56
CA ASN A 61 -17.22 -14.05 -7.36
C ASN A 61 -17.95 -14.95 -6.38
N TRP A 62 -18.92 -15.74 -6.87
CA TRP A 62 -19.74 -16.45 -5.88
C TRP A 62 -18.99 -17.62 -5.25
N GLU A 63 -18.05 -18.22 -5.95
CA GLU A 63 -17.24 -19.25 -5.27
C GLU A 63 -16.48 -18.71 -4.08
N CYS A 64 -15.89 -17.52 -4.30
CA CYS A 64 -15.18 -16.86 -3.19
C CYS A 64 -16.12 -16.44 -2.09
N TYR A 65 -17.32 -15.93 -2.43
CA TYR A 65 -18.30 -15.61 -1.39
C TYR A 65 -18.56 -16.85 -0.52
N ASP A 66 -18.91 -17.95 -1.21
CA ASP A 66 -19.23 -19.15 -0.39
C ASP A 66 -18.09 -19.55 0.54
N LYS A 67 -16.85 -19.44 0.03
CA LYS A 67 -15.69 -19.87 0.79
C LYS A 67 -15.41 -18.89 1.92
N ILE A 68 -15.64 -17.58 1.72
CA ILE A 68 -15.50 -16.63 2.82
C ILE A 68 -16.49 -16.95 3.94
N VAL A 69 -17.75 -17.23 3.55
CA VAL A 69 -18.73 -17.54 4.61
C VAL A 69 -18.33 -18.81 5.37
N GLU A 70 -17.90 -19.84 4.61
CA GLU A 70 -17.49 -21.10 5.23
C GLU A 70 -16.32 -20.90 6.17
N THR A 71 -15.37 -20.11 5.69
CA THR A 71 -14.16 -19.94 6.50
C THR A 71 -14.38 -19.09 7.72
N LEU A 72 -15.10 -17.96 7.62
CA LEU A 72 -15.47 -17.17 8.77
C LEU A 72 -16.23 -18.01 9.80
N THR A 73 -17.07 -18.93 9.33
CA THR A 73 -17.84 -19.75 10.26
C THR A 73 -16.94 -20.62 11.14
N ARG A 74 -15.80 -21.05 10.60
CA ARG A 74 -14.96 -21.96 11.37
C ARG A 74 -13.74 -21.29 11.97
N LEU A 75 -13.55 -19.99 11.73
CA LEU A 75 -12.32 -19.31 12.09
C LEU A 75 -12.18 -19.27 13.62
N GLU A 76 -11.00 -19.60 14.14
CA GLU A 76 -10.82 -19.59 15.59
C GLU A 76 -10.42 -18.22 16.10
N ASP A 77 -10.50 -18.01 17.41
CA ASP A 77 -10.29 -16.67 17.96
C ASP A 77 -8.83 -16.23 17.95
N ASP A 78 -7.86 -17.11 17.62
CA ASP A 78 -6.47 -16.70 17.50
C ASP A 78 -5.99 -16.91 16.06
N GLU A 79 -6.93 -16.95 15.12
CA GLU A 79 -6.60 -17.09 13.70
C GLU A 79 -7.02 -15.84 12.96
N THR A 80 -6.35 -15.59 11.86
CA THR A 80 -6.67 -14.43 11.02
C THR A 80 -6.81 -14.87 9.58
N LEU A 81 -7.92 -14.48 8.97
CA LEU A 81 -8.18 -14.75 7.57
C LEU A 81 -7.62 -13.59 6.73
N LEU A 82 -6.92 -13.94 5.66
CA LEU A 82 -6.48 -12.94 4.67
C LEU A 82 -7.44 -12.96 3.50
N VAL A 83 -7.98 -11.79 3.15
CA VAL A 83 -8.83 -11.64 1.94
C VAL A 83 -8.03 -10.80 0.93
N GLN A 84 -7.86 -11.35 -0.25
CA GLN A 84 -7.04 -10.70 -1.30
C GLN A 84 -7.98 -10.44 -2.49
N SER A 85 -8.29 -9.20 -2.77
CA SER A 85 -9.28 -8.84 -3.79
C SER A 85 -10.50 -9.78 -3.79
N GLY A 86 -11.08 -9.86 -2.58
CA GLY A 86 -12.37 -10.56 -2.44
C GLY A 86 -12.23 -12.08 -2.41
N LYS A 87 -11.05 -12.61 -2.19
CA LYS A 87 -10.81 -14.06 -2.25
C LYS A 87 -10.19 -14.50 -0.93
N PRO A 88 -10.70 -15.52 -0.24
CA PRO A 88 -10.11 -15.95 1.05
C PRO A 88 -8.90 -16.83 0.75
N VAL A 89 -7.70 -16.24 0.90
CA VAL A 89 -6.49 -16.90 0.41
C VAL A 89 -5.69 -17.59 1.49
N GLY A 90 -5.81 -17.23 2.76
CA GLY A 90 -5.00 -17.93 3.75
C GLY A 90 -5.55 -17.65 5.15
N VAL A 91 -5.35 -18.60 6.04
CA VAL A 91 -5.67 -18.44 7.47
C VAL A 91 -4.38 -18.69 8.25
N PHE A 92 -3.95 -17.75 9.09
CA PHE A 92 -2.71 -17.82 9.84
C PHE A 92 -2.94 -17.59 11.32
N LYS A 93 -2.09 -18.17 12.16
CA LYS A 93 -2.15 -17.99 13.61
C LYS A 93 -1.64 -16.62 14.03
N THR A 94 -2.46 -15.92 14.79
CA THR A 94 -2.06 -14.62 15.33
C THR A 94 -2.37 -14.66 16.82
N HIS A 95 -3.29 -13.81 17.26
CA HIS A 95 -3.72 -13.85 18.67
C HIS A 95 -5.06 -13.14 18.81
N SER A 96 -5.67 -13.26 19.96
CA SER A 96 -7.04 -12.75 20.10
C SER A 96 -7.11 -11.23 20.07
N ASN A 97 -6.03 -10.50 20.28
CA ASN A 97 -6.12 -9.05 20.18
C ASN A 97 -5.65 -8.53 18.84
N ALA A 98 -5.45 -9.43 17.87
CA ALA A 98 -5.23 -8.99 16.49
C ALA A 98 -6.55 -9.02 15.74
N PRO A 99 -6.58 -8.40 14.56
CA PRO A 99 -7.80 -8.52 13.75
C PRO A 99 -8.05 -9.98 13.33
N ARG A 100 -9.31 -10.33 13.20
CA ARG A 100 -9.70 -11.62 12.70
C ARG A 100 -9.64 -11.65 11.17
N VAL A 101 -9.69 -10.50 10.50
CA VAL A 101 -9.66 -10.48 9.03
C VAL A 101 -8.76 -9.31 8.63
N LEU A 102 -7.86 -9.59 7.69
CA LEU A 102 -7.04 -8.56 7.05
C LEU A 102 -7.37 -8.61 5.57
N ILE A 103 -7.71 -7.47 4.98
CA ILE A 103 -8.29 -7.40 3.66
C ILE A 103 -7.43 -6.46 2.81
N ALA A 104 -7.07 -6.91 1.60
CA ALA A 104 -6.33 -6.02 0.70
C ALA A 104 -6.99 -6.18 -0.66
N ASN A 105 -7.63 -5.15 -1.14
CA ASN A 105 -8.42 -5.21 -2.37
C ASN A 105 -7.98 -4.20 -3.44
N SER A 106 -7.81 -4.73 -4.65
CA SER A 106 -7.63 -3.92 -5.86
C SER A 106 -6.28 -3.26 -5.96
N ASN A 107 -5.31 -3.60 -5.11
CA ASN A 107 -3.99 -2.93 -5.17
C ASN A 107 -3.18 -3.41 -6.37
N LEU A 108 -2.69 -2.44 -7.14
CA LEU A 108 -1.86 -2.74 -8.31
C LEU A 108 -0.59 -1.93 -8.25
N VAL A 109 0.51 -2.55 -8.67
CA VAL A 109 1.77 -1.82 -8.72
C VAL A 109 1.58 -0.57 -9.60
N PRO A 110 2.04 0.60 -9.18
CA PRO A 110 1.56 1.87 -9.78
C PRO A 110 1.59 2.01 -11.28
N HIS A 111 2.66 1.54 -11.93
CA HIS A 111 2.71 1.70 -13.37
C HIS A 111 1.60 0.94 -14.06
N TRP A 112 1.01 -0.06 -13.42
CA TRP A 112 -0.09 -0.86 -13.96
C TRP A 112 -1.42 -0.53 -13.33
N ALA A 113 -1.46 0.56 -12.55
CA ALA A 113 -2.67 0.87 -11.77
C ALA A 113 -3.62 1.69 -12.63
N ASN A 114 -4.37 0.99 -13.48
CA ASN A 114 -5.31 1.65 -14.39
C ASN A 114 -6.45 0.68 -14.70
N TRP A 115 -7.57 1.19 -15.20
CA TRP A 115 -8.70 0.28 -15.45
C TRP A 115 -8.41 -0.76 -16.51
N GLU A 116 -7.60 -0.43 -17.53
CA GLU A 116 -7.35 -1.40 -18.59
C GLU A 116 -6.66 -2.62 -17.99
N HIS A 117 -5.67 -2.42 -17.13
CA HIS A 117 -4.99 -3.57 -16.55
C HIS A 117 -5.89 -4.28 -15.55
N PHE A 118 -6.64 -3.52 -14.74
CA PHE A 118 -7.62 -4.17 -13.85
C PHE A 118 -8.52 -5.06 -14.68
N ASN A 119 -9.04 -4.55 -15.81
CA ASN A 119 -10.02 -5.34 -16.56
C ASN A 119 -9.34 -6.57 -17.16
N GLU A 120 -8.08 -6.51 -17.53
CA GLU A 120 -7.36 -7.69 -18.01
C GLU A 120 -7.31 -8.74 -16.91
N LEU A 121 -6.99 -8.30 -15.71
CA LEU A 121 -6.94 -9.22 -14.58
C LEU A 121 -8.30 -9.76 -14.23
N ASP A 122 -9.33 -8.92 -14.31
CA ASP A 122 -10.69 -9.40 -13.98
C ASP A 122 -11.10 -10.50 -14.93
N ALA A 123 -10.80 -10.30 -16.21
CA ALA A 123 -11.17 -11.33 -17.20
C ALA A 123 -10.48 -12.67 -16.89
N LYS A 124 -9.34 -12.65 -16.21
CA LYS A 124 -8.63 -13.84 -15.84
C LYS A 124 -9.06 -14.36 -14.48
N GLY A 125 -10.05 -13.73 -13.84
CA GLY A 125 -10.51 -14.09 -12.55
C GLY A 125 -9.62 -13.67 -11.38
N LEU A 126 -8.77 -12.65 -11.64
CA LEU A 126 -7.78 -12.24 -10.68
C LEU A 126 -8.06 -10.93 -9.96
N ALA A 127 -9.24 -10.36 -10.14
CA ALA A 127 -9.47 -8.99 -9.64
C ALA A 127 -10.85 -8.83 -9.04
N MET A 128 -10.94 -7.82 -8.18
CA MET A 128 -12.17 -7.34 -7.63
C MET A 128 -11.96 -5.89 -7.20
N TYR A 129 -12.91 -5.04 -7.57
CA TYR A 129 -12.83 -3.65 -7.08
C TYR A 129 -13.49 -3.54 -5.72
N GLY A 130 -12.74 -3.09 -4.73
CA GLY A 130 -13.27 -2.98 -3.39
C GLY A 130 -14.06 -1.72 -3.11
N GLN A 131 -14.01 -0.73 -3.99
CA GLN A 131 -14.47 0.63 -3.65
C GLN A 131 -13.85 1.01 -2.31
N MET A 132 -14.59 1.61 -1.40
CA MET A 132 -14.08 1.86 -0.06
C MET A 132 -14.72 0.79 0.83
N THR A 133 -16.03 0.84 1.04
CA THR A 133 -16.67 0.00 2.05
C THR A 133 -17.35 -1.23 1.42
N ALA A 134 -17.29 -1.40 0.09
CA ALA A 134 -17.91 -2.56 -0.54
C ALA A 134 -17.11 -3.83 -0.19
N GLY A 135 -15.80 -3.79 -0.44
CA GLY A 135 -14.96 -4.97 -0.24
C GLY A 135 -14.54 -5.13 1.20
N SER A 136 -14.83 -4.15 2.05
CA SER A 136 -14.40 -4.19 3.47
C SER A 136 -15.60 -4.25 4.40
N TRP A 137 -16.78 -4.49 3.88
CA TRP A 137 -17.92 -4.95 4.68
C TRP A 137 -18.31 -3.98 5.78
N ILE A 138 -18.54 -2.71 5.40
CA ILE A 138 -19.00 -1.71 6.37
C ILE A 138 -19.89 -0.72 5.66
N TYR A 139 -20.57 -1.14 4.58
CA TYR A 139 -21.51 -0.25 3.86
C TYR A 139 -22.87 -0.36 4.52
N ILE A 140 -23.51 0.80 4.72
CA ILE A 140 -24.79 0.84 5.43
C ILE A 140 -25.81 1.55 4.55
N GLY A 141 -25.76 1.34 3.24
CA GLY A 141 -26.72 1.99 2.34
C GLY A 141 -26.36 3.45 2.12
N SER A 142 -27.33 4.27 1.75
CA SER A 142 -27.01 5.65 1.43
C SER A 142 -26.68 6.45 2.69
N GLN A 143 -27.03 5.94 3.87
CA GLN A 143 -26.77 6.67 5.10
C GLN A 143 -25.27 6.87 5.32
N GLY A 144 -24.42 5.98 4.79
CA GLY A 144 -22.98 6.13 5.08
C GLY A 144 -22.43 7.45 4.67
N ILE A 145 -22.92 7.98 3.55
CA ILE A 145 -22.37 9.24 3.01
C ILE A 145 -23.28 10.43 3.31
N VAL A 146 -24.52 10.21 3.76
CA VAL A 146 -25.46 11.31 3.73
C VAL A 146 -25.04 12.43 4.67
N GLN A 147 -24.42 12.13 5.82
CA GLN A 147 -24.01 13.25 6.68
C GLN A 147 -22.87 14.01 6.00
N GLY A 148 -21.94 13.36 5.34
CA GLY A 148 -20.87 14.07 4.66
C GLY A 148 -21.42 14.99 3.57
N THR A 149 -22.40 14.46 2.80
CA THR A 149 -22.95 15.29 1.73
C THR A 149 -23.72 16.45 2.35
N TYR A 150 -24.45 16.24 3.43
CA TYR A 150 -25.15 17.32 4.15
C TYR A 150 -24.15 18.36 4.65
N GLU A 151 -23.05 17.95 5.29
CA GLU A 151 -22.04 18.86 5.84
C GLU A 151 -21.43 19.66 4.67
N THR A 152 -21.27 19.01 3.51
CA THR A 152 -20.72 19.76 2.37
C THR A 152 -21.70 20.85 1.92
N PHE A 153 -22.98 20.47 1.78
CA PHE A 153 -23.95 21.46 1.35
C PHE A 153 -24.12 22.57 2.41
N VAL A 154 -24.13 22.22 3.69
CA VAL A 154 -24.25 23.24 4.75
C VAL A 154 -23.07 24.20 4.67
N GLU A 155 -21.84 23.70 4.55
CA GLU A 155 -20.69 24.58 4.54
C GLU A 155 -20.67 25.44 3.28
N ALA A 156 -21.02 24.89 2.12
CA ALA A 156 -21.16 25.71 0.91
C ALA A 156 -22.20 26.81 1.16
N GLY A 157 -23.29 26.45 1.83
CA GLY A 157 -24.31 27.45 2.14
C GLY A 157 -23.78 28.52 3.07
N ARG A 158 -23.01 28.13 4.09
CA ARG A 158 -22.38 29.11 4.99
C ARG A 158 -21.39 30.01 4.23
N GLN A 159 -20.64 29.46 3.28
CA GLN A 159 -19.65 30.30 2.57
C GLN A 159 -20.30 31.24 1.58
N HIS A 160 -21.41 30.81 0.94
CA HIS A 160 -21.89 31.54 -0.21
C HIS A 160 -23.23 32.25 0.05
N TYR A 161 -24.03 31.74 0.98
CA TYR A 161 -25.44 32.16 1.11
C TYR A 161 -25.89 32.47 2.53
N GLY A 162 -25.03 32.55 3.53
CA GLY A 162 -25.37 32.83 4.90
C GLY A 162 -25.90 31.64 5.69
N GLY A 163 -25.68 30.42 5.27
CA GLY A 163 -25.93 29.18 5.98
C GLY A 163 -27.03 28.28 5.42
N SER A 164 -28.25 28.57 5.89
CA SER A 164 -29.42 27.84 5.43
C SER A 164 -29.63 27.95 3.92
N LEU A 165 -30.03 26.86 3.24
CA LEU A 165 -30.26 26.98 1.77
C LEU A 165 -31.72 27.21 1.42
N LYS A 166 -32.54 27.70 2.35
CA LYS A 166 -33.97 27.92 2.07
C LYS A 166 -34.14 28.84 0.86
N GLY A 167 -34.97 28.35 -0.07
CA GLY A 167 -35.25 29.11 -1.27
C GLY A 167 -34.20 28.87 -2.35
N LYS A 168 -33.18 28.04 -2.15
CA LYS A 168 -32.10 27.75 -3.09
C LYS A 168 -32.25 26.34 -3.62
N TRP A 169 -31.57 26.05 -4.74
CA TRP A 169 -31.59 24.68 -5.22
C TRP A 169 -30.22 24.27 -5.73
N VAL A 170 -30.00 22.95 -5.54
CA VAL A 170 -28.79 22.27 -5.97
C VAL A 170 -29.10 21.52 -7.27
N LEU A 171 -28.20 21.59 -8.24
CA LEU A 171 -28.28 20.74 -9.43
C LEU A 171 -27.17 19.71 -9.38
N THR A 172 -27.55 18.46 -9.54
CA THR A 172 -26.51 17.41 -9.52
C THR A 172 -27.05 16.24 -10.33
N ALA A 173 -26.25 15.20 -10.36
CA ALA A 173 -26.60 13.99 -11.08
C ALA A 173 -26.05 12.78 -10.32
N GLY A 174 -26.65 11.63 -10.63
CA GLY A 174 -26.28 10.36 -10.02
C GLY A 174 -27.11 10.05 -8.80
N LEU A 175 -27.99 9.06 -8.96
CA LEU A 175 -28.81 8.56 -7.87
C LEU A 175 -28.50 7.05 -7.70
N GLY A 176 -27.21 6.74 -7.58
CA GLY A 176 -26.76 5.44 -7.20
C GLY A 176 -26.78 5.25 -5.70
N GLY A 177 -25.98 4.32 -5.21
CA GLY A 177 -25.96 4.04 -3.75
C GLY A 177 -25.56 5.27 -2.99
N MET A 178 -24.39 5.85 -3.32
CA MET A 178 -23.90 7.06 -2.65
C MET A 178 -24.54 8.32 -3.21
N GLY A 179 -24.71 8.40 -4.52
CA GLY A 179 -25.33 9.56 -5.13
C GLY A 179 -26.76 9.78 -4.64
N GLY A 180 -27.44 8.68 -4.29
CA GLY A 180 -28.79 8.79 -3.79
C GLY A 180 -28.91 9.53 -2.49
N ALA A 181 -27.83 9.71 -1.74
CA ALA A 181 -27.87 10.56 -0.56
C ALA A 181 -27.97 12.04 -0.91
N GLN A 182 -27.59 12.46 -2.09
CA GLN A 182 -27.61 13.90 -2.41
C GLN A 182 -28.97 14.53 -2.24
N PRO A 183 -30.06 14.01 -2.78
CA PRO A 183 -31.32 14.71 -2.63
C PRO A 183 -31.69 14.91 -1.17
N LEU A 184 -31.55 13.86 -0.35
CA LEU A 184 -31.94 14.01 1.05
C LEU A 184 -31.00 14.96 1.79
N ALA A 185 -29.71 14.88 1.53
CA ALA A 185 -28.77 15.84 2.12
C ALA A 185 -29.12 17.27 1.77
N ALA A 186 -29.46 17.51 0.49
CA ALA A 186 -29.87 18.88 0.12
C ALA A 186 -31.08 19.30 0.91
N THR A 187 -32.09 18.41 0.96
CA THR A 187 -33.30 18.71 1.74
C THR A 187 -32.95 19.04 3.16
N LEU A 188 -32.09 18.25 3.80
CA LEU A 188 -31.81 18.50 5.21
C LEU A 188 -31.07 19.84 5.39
N ALA A 189 -30.30 20.27 4.40
CA ALA A 189 -29.58 21.53 4.42
C ALA A 189 -30.53 22.69 4.12
N GLY A 190 -31.76 22.42 3.74
CA GLY A 190 -32.78 23.42 3.46
C GLY A 190 -33.03 23.73 2.00
N ALA A 191 -32.36 22.99 1.08
CA ALA A 191 -32.45 23.32 -0.32
C ALA A 191 -33.39 22.39 -1.08
N CYS A 192 -33.98 22.88 -2.16
CA CYS A 192 -34.55 21.98 -3.15
C CYS A 192 -33.41 21.41 -3.98
N SER A 193 -33.69 20.38 -4.78
CA SER A 193 -32.61 19.83 -5.60
C SER A 193 -33.25 19.21 -6.86
N LEU A 194 -32.48 19.33 -7.93
CA LEU A 194 -32.79 18.63 -9.17
C LEU A 194 -31.68 17.60 -9.39
N ASN A 195 -32.05 16.32 -9.50
CA ASN A 195 -31.11 15.18 -9.44
C ASN A 195 -31.32 14.36 -10.70
N ILE A 196 -30.34 14.44 -11.61
CA ILE A 196 -30.48 13.76 -12.90
C ILE A 196 -29.98 12.33 -12.79
N GLU A 197 -30.75 11.38 -13.25
CA GLU A 197 -30.35 9.97 -13.11
C GLU A 197 -30.79 9.24 -14.37
N SER A 198 -29.87 8.44 -14.93
CA SER A 198 -30.18 7.77 -16.21
C SER A 198 -30.93 6.47 -16.13
N GLN A 199 -31.03 5.87 -14.96
CA GLN A 199 -31.77 4.61 -14.82
C GLN A 199 -33.03 4.75 -13.94
N GLN A 200 -34.15 4.44 -14.55
CA GLN A 200 -35.39 4.50 -13.76
C GLN A 200 -35.32 3.65 -12.51
N SER A 201 -34.66 2.46 -12.59
CA SER A 201 -34.65 1.60 -11.41
C SER A 201 -33.90 2.25 -10.24
N ARG A 202 -32.95 3.12 -10.54
CA ARG A 202 -32.23 3.80 -9.46
C ARG A 202 -33.10 4.91 -8.88
N ILE A 203 -33.84 5.64 -9.73
CA ILE A 203 -34.81 6.57 -9.13
C ILE A 203 -35.77 5.86 -8.21
N ASP A 204 -36.26 4.69 -8.69
CA ASP A 204 -37.24 3.95 -7.90
C ASP A 204 -36.62 3.54 -6.56
N PHE A 205 -35.35 3.14 -6.56
CA PHE A 205 -34.72 2.71 -5.29
C PHE A 205 -34.63 3.89 -4.33
N ARG A 206 -34.27 5.07 -4.85
CA ARG A 206 -34.23 6.25 -3.96
C ARG A 206 -35.61 6.63 -3.46
N LEU A 207 -36.64 6.41 -4.30
CA LEU A 207 -38.01 6.70 -3.79
C LEU A 207 -38.37 5.71 -2.69
N GLU A 208 -38.07 4.43 -2.93
CA GLU A 208 -38.44 3.38 -2.00
C GLU A 208 -37.76 3.55 -0.63
N THR A 209 -36.57 4.11 -0.63
CA THR A 209 -35.79 4.28 0.60
C THR A 209 -35.99 5.70 1.15
N ARG A 210 -36.83 6.50 0.50
CA ARG A 210 -37.24 7.86 0.92
C ARG A 210 -36.05 8.82 1.00
N TYR A 211 -35.14 8.65 0.03
CA TYR A 211 -34.02 9.58 -0.13
C TYR A 211 -34.36 10.64 -1.17
N VAL A 212 -35.36 10.42 -2.01
CA VAL A 212 -35.79 11.49 -2.97
C VAL A 212 -37.29 11.62 -2.87
N ASP A 213 -37.81 12.81 -3.17
CA ASP A 213 -39.24 13.05 -2.90
C ASP A 213 -40.13 12.77 -4.08
N GLU A 214 -39.73 13.26 -5.25
CA GLU A 214 -40.62 13.07 -6.39
C GLU A 214 -39.82 12.97 -7.69
N GLN A 215 -40.50 12.53 -8.74
CA GLN A 215 -39.91 12.47 -10.07
C GLN A 215 -40.66 13.38 -11.01
N ALA A 216 -39.93 14.26 -11.69
CA ALA A 216 -40.53 15.12 -12.70
C ALA A 216 -40.86 14.33 -13.98
N THR A 217 -41.76 14.84 -14.85
CA THR A 217 -42.11 14.10 -16.06
C THR A 217 -41.14 14.43 -17.19
N ASP A 218 -40.40 15.51 -17.11
CA ASP A 218 -39.52 16.00 -18.18
C ASP A 218 -38.80 17.23 -17.63
N LEU A 219 -37.82 17.71 -18.39
CA LEU A 219 -37.03 18.84 -17.91
C LEU A 219 -37.89 20.07 -17.64
N ASP A 220 -38.85 20.40 -18.54
CA ASP A 220 -39.63 21.62 -18.29
C ASP A 220 -40.43 21.48 -16.97
N ASP A 221 -41.02 20.29 -16.80
CA ASP A 221 -41.80 20.07 -15.57
C ASP A 221 -40.91 20.16 -14.34
N ALA A 222 -39.68 19.61 -14.46
CA ALA A 222 -38.77 19.74 -13.32
C ALA A 222 -38.51 21.18 -12.96
N LEU A 223 -38.31 22.01 -13.99
CA LEU A 223 -38.06 23.43 -13.65
C LEU A 223 -39.27 24.15 -13.10
N VAL A 224 -40.48 23.80 -13.53
CA VAL A 224 -41.69 24.30 -12.90
C VAL A 224 -41.72 23.95 -11.41
N ARG A 225 -41.43 22.70 -11.06
CA ARG A 225 -41.47 22.33 -9.64
C ARG A 225 -40.40 23.05 -8.87
N ILE A 226 -39.17 23.10 -9.40
CA ILE A 226 -38.13 23.83 -8.68
C ILE A 226 -38.51 25.28 -8.44
N ALA A 227 -39.06 25.94 -9.48
CA ALA A 227 -39.47 27.36 -9.35
C ALA A 227 -40.54 27.48 -8.26
N LYS A 228 -41.51 26.57 -8.27
CA LYS A 228 -42.59 26.64 -7.28
C LYS A 228 -42.07 26.41 -5.88
N TYR A 229 -41.33 25.32 -5.66
CA TYR A 229 -40.95 24.97 -4.28
C TYR A 229 -39.96 25.93 -3.69
N THR A 230 -39.04 26.42 -4.52
CA THR A 230 -38.07 27.42 -4.00
C THR A 230 -38.80 28.72 -3.64
N ALA A 231 -39.77 29.16 -4.42
CA ALA A 231 -40.54 30.35 -4.16
C ALA A 231 -41.29 30.21 -2.84
N GLU A 232 -41.69 29.01 -2.50
CA GLU A 232 -42.45 28.75 -1.28
C GLU A 232 -41.51 28.49 -0.11
N GLY A 233 -40.21 28.40 -0.37
CA GLY A 233 -39.28 28.09 0.71
C GLY A 233 -39.41 26.65 1.16
N LYS A 234 -39.88 25.75 0.29
CA LYS A 234 -39.91 24.32 0.63
C LYS A 234 -38.54 23.73 0.33
N ALA A 235 -38.20 22.58 0.88
CA ALA A 235 -36.95 21.89 0.54
C ALA A 235 -37.35 20.52 0.00
N ILE A 236 -37.58 20.43 -1.30
CA ILE A 236 -38.08 19.23 -1.96
C ILE A 236 -37.06 18.75 -2.99
N SER A 237 -36.82 17.45 -2.99
CA SER A 237 -35.90 16.88 -3.99
C SER A 237 -36.67 16.26 -5.16
N ILE A 238 -36.17 16.62 -6.34
CA ILE A 238 -36.78 16.16 -7.59
C ILE A 238 -35.81 15.29 -8.39
N ALA A 239 -36.25 14.13 -8.82
CA ALA A 239 -35.46 13.33 -9.72
C ALA A 239 -35.91 13.58 -11.14
N LEU A 240 -34.98 13.57 -12.07
CA LEU A 240 -35.29 13.67 -13.49
C LEU A 240 -34.55 12.54 -14.22
N HIS A 241 -35.34 11.71 -14.88
CA HIS A 241 -34.72 10.64 -15.69
C HIS A 241 -34.10 11.21 -16.95
N GLY A 242 -32.78 11.07 -17.09
CA GLY A 242 -32.09 11.61 -18.26
C GLY A 242 -30.57 11.52 -18.04
N ASN A 243 -29.87 12.18 -18.94
CA ASN A 243 -28.43 12.09 -18.98
C ASN A 243 -27.85 13.46 -18.65
N ALA A 244 -26.99 13.53 -17.66
CA ALA A 244 -26.44 14.81 -17.19
C ALA A 244 -25.68 15.50 -18.29
N ALA A 245 -25.02 14.74 -19.16
CA ALA A 245 -24.20 15.31 -20.20
C ALA A 245 -25.05 15.90 -21.33
N GLU A 246 -26.34 15.63 -21.35
CA GLU A 246 -27.29 16.30 -22.25
C GLU A 246 -27.99 17.44 -21.51
N ILE A 247 -28.42 17.17 -20.27
CA ILE A 247 -29.26 18.17 -19.58
C ILE A 247 -28.44 19.36 -19.06
N LEU A 248 -27.26 19.12 -18.50
CA LEU A 248 -26.57 20.28 -17.95
C LEU A 248 -26.22 21.28 -19.08
N PRO A 249 -25.67 20.86 -20.22
CA PRO A 249 -25.42 21.83 -21.31
C PRO A 249 -26.69 22.50 -21.78
N GLU A 250 -27.82 21.80 -21.80
CA GLU A 250 -29.10 22.42 -22.17
C GLU A 250 -29.49 23.49 -21.16
N LEU A 251 -29.29 23.20 -19.88
CA LEU A 251 -29.61 24.22 -18.86
C LEU A 251 -28.74 25.47 -18.99
N VAL A 252 -27.46 25.29 -19.29
CA VAL A 252 -26.61 26.45 -19.60
C VAL A 252 -27.16 27.24 -20.80
N LYS A 253 -27.55 26.51 -21.86
CA LYS A 253 -28.04 27.19 -23.06
C LYS A 253 -29.28 27.99 -22.74
N ARG A 254 -30.10 27.49 -21.84
CA ARG A 254 -31.34 28.18 -21.45
C ARG A 254 -31.12 29.32 -20.44
N GLY A 255 -29.90 29.49 -19.96
CA GLY A 255 -29.55 30.46 -18.92
C GLY A 255 -30.13 30.15 -17.56
N VAL A 256 -30.47 28.88 -17.32
CA VAL A 256 -30.98 28.50 -15.99
C VAL A 256 -29.83 28.56 -15.03
N ARG A 257 -30.03 29.07 -13.84
CA ARG A 257 -28.99 29.34 -12.85
C ARG A 257 -29.32 28.63 -11.55
N PRO A 258 -28.78 27.44 -11.33
CA PRO A 258 -28.96 26.81 -10.03
C PRO A 258 -28.15 27.57 -8.97
N ASP A 259 -28.36 27.26 -7.71
CA ASP A 259 -27.59 27.92 -6.67
C ASP A 259 -26.33 27.16 -6.28
N MET A 260 -26.26 25.90 -6.67
CA MET A 260 -25.04 25.10 -6.47
C MET A 260 -25.03 23.99 -7.52
N VAL A 261 -23.84 23.62 -7.99
CA VAL A 261 -23.76 22.57 -9.00
C VAL A 261 -22.65 21.62 -8.59
N THR A 262 -22.96 20.32 -8.63
CA THR A 262 -21.96 19.27 -8.44
C THR A 262 -22.38 18.08 -9.27
N ASP A 263 -21.75 16.94 -9.04
CA ASP A 263 -22.03 15.72 -9.78
C ASP A 263 -21.59 14.50 -8.99
N GLN A 264 -22.35 13.43 -9.07
CA GLN A 264 -21.95 12.19 -8.43
C GLN A 264 -22.33 10.97 -9.26
N THR A 265 -22.23 11.12 -10.59
CA THR A 265 -22.25 9.94 -11.47
C THR A 265 -21.00 9.12 -11.18
N SER A 266 -20.94 7.88 -11.65
CA SER A 266 -19.74 7.06 -11.46
C SER A 266 -18.70 7.26 -12.56
N ALA A 267 -18.29 8.52 -12.66
CA ALA A 267 -17.30 8.94 -13.64
C ALA A 267 -15.93 8.35 -13.40
N HIS A 268 -15.75 7.76 -12.21
CA HIS A 268 -14.45 7.19 -11.82
C HIS A 268 -14.15 5.96 -12.66
N ASP A 269 -15.15 5.39 -13.32
CA ASP A 269 -14.95 4.15 -14.08
C ASP A 269 -15.67 4.35 -15.40
N PRO A 270 -15.06 4.91 -16.40
CA PRO A 270 -15.70 5.21 -17.68
C PRO A 270 -16.31 3.99 -18.35
N LEU A 271 -15.79 2.78 -18.14
CA LEU A 271 -16.36 1.63 -18.86
C LEU A 271 -17.69 1.21 -18.27
N ASN A 272 -17.85 1.38 -16.94
CA ASN A 272 -19.01 0.83 -16.26
C ASN A 272 -19.95 1.84 -15.61
N GLY A 273 -19.49 3.05 -15.31
CA GLY A 273 -20.24 3.93 -14.42
C GLY A 273 -20.79 5.19 -15.02
N TYR A 274 -20.57 5.50 -16.29
CA TYR A 274 -20.92 6.79 -16.84
C TYR A 274 -21.53 6.60 -18.21
N LEU A 275 -22.80 6.96 -18.35
CA LEU A 275 -23.52 6.76 -19.59
C LEU A 275 -23.19 7.82 -20.64
N PRO A 276 -22.66 7.48 -21.83
CA PRO A 276 -22.42 8.49 -22.86
C PRO A 276 -23.72 9.12 -23.32
N ALA A 277 -23.64 10.39 -23.70
CA ALA A 277 -24.80 11.10 -24.19
C ALA A 277 -25.46 10.40 -25.38
N GLY A 278 -26.80 10.24 -25.30
CA GLY A 278 -27.57 9.63 -26.34
C GLY A 278 -27.70 8.12 -26.20
N TRP A 279 -26.88 7.51 -25.33
CA TRP A 279 -26.98 6.05 -25.21
C TRP A 279 -28.00 5.67 -24.17
N THR A 280 -28.42 4.40 -24.23
CA THR A 280 -29.18 3.85 -23.11
C THR A 280 -28.26 3.01 -22.23
N TRP A 281 -28.71 2.82 -20.99
CA TRP A 281 -27.93 2.01 -20.05
C TRP A 281 -27.78 0.62 -20.66
N GLU A 282 -28.82 0.12 -21.34
CA GLU A 282 -28.74 -1.19 -21.95
C GLU A 282 -27.70 -1.25 -23.06
N GLN A 283 -27.67 -0.25 -23.93
CA GLN A 283 -26.62 -0.20 -24.94
C GLN A 283 -25.24 -0.14 -24.32
N TYR A 284 -25.13 0.66 -23.28
CA TYR A 284 -23.85 0.89 -22.61
C TYR A 284 -23.32 -0.41 -22.02
N ARG A 285 -24.18 -1.12 -21.29
CA ARG A 285 -23.71 -2.38 -20.69
C ARG A 285 -23.33 -3.39 -21.79
N ASP A 286 -24.09 -3.45 -22.86
CA ASP A 286 -23.76 -4.41 -23.91
C ASP A 286 -22.50 -4.08 -24.66
N ARG A 287 -22.36 -2.80 -25.05
CA ARG A 287 -21.20 -2.42 -25.83
C ARG A 287 -19.92 -2.42 -25.00
N ALA A 288 -19.99 -2.31 -23.69
CA ALA A 288 -18.79 -2.40 -22.85
C ALA A 288 -18.14 -3.75 -22.98
N GLN A 289 -18.91 -4.76 -23.41
CA GLN A 289 -18.35 -6.10 -23.53
C GLN A 289 -17.73 -6.31 -24.90
N THR A 290 -18.27 -5.65 -25.92
CA THR A 290 -17.72 -5.94 -27.26
C THR A 290 -16.56 -4.99 -27.54
N GLU A 291 -16.73 -3.71 -27.19
CA GLU A 291 -15.81 -2.66 -27.62
C GLU A 291 -15.51 -1.75 -26.44
N PRO A 292 -14.85 -2.29 -25.41
CA PRO A 292 -14.61 -1.47 -24.22
C PRO A 292 -13.79 -0.23 -24.52
N ALA A 293 -12.77 -0.25 -25.38
CA ALA A 293 -12.01 0.97 -25.62
C ALA A 293 -12.90 2.08 -26.19
N ALA A 294 -13.79 1.70 -27.11
CA ALA A 294 -14.64 2.71 -27.75
C ALA A 294 -15.65 3.23 -26.75
N VAL A 295 -16.10 2.33 -25.87
CA VAL A 295 -17.07 2.81 -24.82
C VAL A 295 -16.40 3.77 -23.88
N VAL A 296 -15.18 3.45 -23.41
CA VAL A 296 -14.47 4.38 -22.52
C VAL A 296 -14.32 5.73 -23.19
N LYS A 297 -13.93 5.74 -24.47
CA LYS A 297 -13.70 7.02 -25.14
C LYS A 297 -15.03 7.78 -25.21
N ALA A 298 -16.14 7.11 -25.59
CA ALA A 298 -17.44 7.80 -25.67
C ALA A 298 -17.85 8.36 -24.32
N ALA A 299 -17.65 7.59 -23.26
CA ALA A 299 -18.00 8.07 -21.89
C ALA A 299 -17.15 9.28 -21.54
N LYS A 300 -15.83 9.20 -21.76
CA LYS A 300 -14.98 10.33 -21.40
C LYS A 300 -15.30 11.55 -22.25
N GLN A 301 -15.64 11.39 -23.51
CA GLN A 301 -16.03 12.54 -24.33
C GLN A 301 -17.27 13.24 -23.76
N SER A 302 -18.23 12.46 -23.26
CA SER A 302 -19.41 13.07 -22.65
C SER A 302 -19.05 13.69 -21.33
N MET A 303 -18.15 13.09 -20.53
CA MET A 303 -17.71 13.75 -19.32
C MET A 303 -17.09 15.11 -19.63
N ALA A 304 -16.37 15.26 -20.75
CA ALA A 304 -15.79 16.56 -21.10
C ALA A 304 -16.89 17.58 -21.34
N VAL A 305 -17.98 17.21 -22.01
CA VAL A 305 -19.12 18.10 -22.26
C VAL A 305 -19.79 18.49 -20.96
N HIS A 306 -19.92 17.51 -20.08
CA HIS A 306 -20.58 17.69 -18.78
C HIS A 306 -19.75 18.64 -17.93
N VAL A 307 -18.43 18.39 -17.85
CA VAL A 307 -17.59 19.29 -17.05
C VAL A 307 -17.55 20.69 -17.66
N GLN A 308 -17.59 20.84 -18.99
CA GLN A 308 -17.61 22.20 -19.56
C GLN A 308 -18.88 22.93 -19.11
N ALA A 309 -19.99 22.21 -19.00
CA ALA A 309 -21.21 22.84 -18.51
C ALA A 309 -21.03 23.29 -17.08
N MET A 310 -20.40 22.44 -16.24
CA MET A 310 -20.12 22.85 -14.85
C MET A 310 -19.26 24.08 -14.83
N LEU A 311 -18.23 24.17 -15.67
CA LEU A 311 -17.39 25.35 -15.76
C LEU A 311 -18.17 26.59 -16.20
N ASP A 312 -19.11 26.34 -17.14
CA ASP A 312 -19.96 27.48 -17.58
C ASP A 312 -20.85 27.96 -16.46
N PHE A 313 -21.42 27.06 -15.66
CA PHE A 313 -22.16 27.57 -14.48
C PHE A 313 -21.25 28.36 -13.55
N GLN A 314 -20.06 27.81 -13.32
CA GLN A 314 -19.14 28.51 -12.42
C GLN A 314 -18.83 29.91 -12.97
N LYS A 315 -18.65 30.06 -14.26
CA LYS A 315 -18.33 31.38 -14.80
C LYS A 315 -19.47 32.35 -14.57
N GLN A 316 -20.70 31.84 -14.44
CA GLN A 316 -21.86 32.61 -14.11
C GLN A 316 -21.93 32.92 -12.62
N GLY A 317 -20.95 32.52 -11.84
CA GLY A 317 -21.02 32.84 -10.40
C GLY A 317 -21.67 31.77 -9.57
N VAL A 318 -22.03 30.63 -10.20
CA VAL A 318 -22.62 29.55 -9.40
C VAL A 318 -21.56 28.75 -8.63
N PRO A 319 -21.66 28.58 -7.32
CA PRO A 319 -20.78 27.65 -6.57
C PRO A 319 -20.85 26.24 -7.17
N THR A 320 -19.70 25.76 -7.56
CA THR A 320 -19.55 24.54 -8.35
C THR A 320 -18.42 23.76 -7.72
N PHE A 321 -18.59 22.45 -7.50
CA PHE A 321 -17.51 21.66 -6.91
C PHE A 321 -17.60 20.20 -7.37
N ASP A 322 -16.44 19.58 -7.27
CA ASP A 322 -16.30 18.16 -7.58
C ASP A 322 -16.51 17.34 -6.31
N TYR A 323 -17.33 16.30 -6.39
CA TYR A 323 -17.71 15.52 -5.21
C TYR A 323 -17.07 14.13 -5.27
N GLY A 324 -15.82 14.05 -5.73
CA GLY A 324 -15.02 12.87 -5.47
C GLY A 324 -15.21 11.70 -6.43
N ASN A 325 -15.68 11.98 -7.64
CA ASN A 325 -15.86 10.91 -8.63
C ASN A 325 -14.87 11.01 -9.80
N ASN A 326 -13.85 11.85 -9.67
CA ASN A 326 -12.76 12.01 -10.62
C ASN A 326 -13.24 12.60 -11.95
N ILE A 327 -14.39 13.26 -12.00
CA ILE A 327 -14.87 13.67 -13.35
C ILE A 327 -13.96 14.74 -13.92
N ARG A 328 -13.34 15.60 -13.11
CA ARG A 328 -12.49 16.64 -13.71
C ARG A 328 -11.30 16.03 -14.41
N GLN A 329 -10.75 14.97 -13.74
CA GLN A 329 -9.57 14.32 -14.35
C GLN A 329 -9.90 13.74 -15.72
N MET A 330 -11.08 13.08 -15.78
CA MET A 330 -11.47 12.45 -17.05
C MET A 330 -11.65 13.50 -18.12
N ALA A 331 -12.28 14.63 -17.78
CA ALA A 331 -12.51 15.73 -18.72
C ALA A 331 -11.19 16.32 -19.17
N LYS A 332 -10.25 16.49 -18.23
CA LYS A 332 -8.94 17.02 -18.59
C LYS A 332 -8.24 16.12 -19.60
N GLU A 333 -8.34 14.82 -19.45
CA GLU A 333 -7.67 13.87 -20.34
C GLU A 333 -8.33 13.92 -21.71
N GLU A 334 -9.59 14.35 -21.79
CA GLU A 334 -10.31 14.54 -23.04
C GLU A 334 -10.20 15.98 -23.55
N GLY A 335 -9.27 16.80 -23.08
CA GLY A 335 -8.99 18.12 -23.61
C GLY A 335 -9.56 19.31 -22.91
N VAL A 336 -10.25 19.14 -21.78
CA VAL A 336 -10.76 20.34 -21.07
C VAL A 336 -9.68 20.81 -20.14
N ALA A 337 -8.77 21.66 -20.64
CA ALA A 337 -7.52 21.87 -19.93
C ALA A 337 -7.74 22.59 -18.61
N ASP A 338 -8.85 23.31 -18.48
CA ASP A 338 -9.17 24.01 -17.23
C ASP A 338 -10.21 23.30 -16.39
N ALA A 339 -10.29 21.98 -16.53
CA ALA A 339 -11.27 21.23 -15.73
C ALA A 339 -11.10 21.45 -14.23
N PHE A 340 -9.87 21.71 -13.76
CA PHE A 340 -9.68 21.88 -12.33
C PHE A 340 -9.88 23.31 -11.88
N ASP A 341 -10.57 24.12 -12.69
CA ASP A 341 -10.89 25.48 -12.25
C ASP A 341 -11.98 25.49 -11.20
N PHE A 342 -12.67 24.36 -11.02
CA PHE A 342 -13.54 24.32 -9.81
C PHE A 342 -12.97 23.30 -8.85
N PRO A 343 -13.13 23.51 -7.54
CA PRO A 343 -12.41 22.69 -6.56
C PRO A 343 -13.15 21.45 -6.13
N GLY A 344 -12.38 20.57 -5.48
CA GLY A 344 -12.95 19.45 -4.79
C GLY A 344 -13.63 19.88 -3.50
N PHE A 345 -14.62 19.08 -3.09
CA PHE A 345 -15.36 19.40 -1.88
C PHE A 345 -14.54 19.43 -0.60
N VAL A 346 -13.43 18.68 -0.55
CA VAL A 346 -12.65 18.66 0.71
C VAL A 346 -11.84 19.93 0.85
N PRO A 347 -10.97 20.34 -0.06
CA PRO A 347 -10.26 21.62 0.15
C PRO A 347 -11.26 22.76 0.23
N ALA A 348 -12.38 22.68 -0.47
CA ALA A 348 -13.30 23.81 -0.46
C ALA A 348 -14.06 23.90 0.86
N TYR A 349 -14.55 22.77 1.40
CA TYR A 349 -15.56 22.82 2.44
C TYR A 349 -15.18 21.99 3.66
N ILE A 350 -14.73 20.76 3.50
CA ILE A 350 -14.71 19.75 4.54
C ILE A 350 -13.39 19.62 5.31
N ARG A 351 -12.28 20.02 4.71
CA ARG A 351 -10.99 19.78 5.35
C ARG A 351 -10.90 20.26 6.79
N PRO A 352 -11.50 21.37 7.23
CA PRO A 352 -11.35 21.72 8.67
C PRO A 352 -11.94 20.68 9.61
N LEU A 353 -12.94 19.93 9.19
CA LEU A 353 -13.46 18.84 10.01
C LEU A 353 -12.41 17.73 10.13
N PHE A 354 -11.78 17.36 9.02
CA PHE A 354 -10.74 16.33 9.06
C PHE A 354 -9.58 16.73 9.96
N CYS A 355 -9.31 18.07 10.01
CA CYS A 355 -8.22 18.50 10.88
C CYS A 355 -8.45 18.20 12.37
N ARG A 356 -9.70 17.98 12.78
CA ARG A 356 -10.00 17.57 14.14
C ARG A 356 -10.37 16.08 14.20
N GLY A 357 -10.05 15.35 13.13
CA GLY A 357 -10.33 13.93 13.11
C GLY A 357 -11.81 13.61 12.94
N VAL A 358 -12.63 14.62 12.62
CA VAL A 358 -14.06 14.39 12.39
C VAL A 358 -14.26 13.80 11.01
N GLY A 359 -15.13 12.79 10.92
CA GLY A 359 -15.38 12.13 9.63
C GLY A 359 -16.48 11.11 9.85
N PRO A 360 -16.70 10.26 8.83
CA PRO A 360 -17.89 9.37 8.75
C PRO A 360 -17.88 8.12 9.60
N PHE A 361 -17.67 8.40 10.88
CA PHE A 361 -17.84 7.47 12.00
C PHE A 361 -19.25 6.91 11.98
N ARG A 362 -19.36 5.60 12.19
CA ARG A 362 -20.63 4.92 12.06
C ARG A 362 -20.65 3.64 12.94
N TRP A 363 -21.88 3.19 13.16
CA TRP A 363 -21.98 1.89 13.88
C TRP A 363 -23.26 1.21 13.44
N ALA A 364 -23.28 -0.12 13.64
CA ALA A 364 -24.42 -0.93 13.22
C ALA A 364 -24.77 -1.92 14.34
N ALA A 365 -26.08 -2.15 14.44
CA ALA A 365 -26.60 -3.11 15.44
C ALA A 365 -26.70 -4.49 14.80
N LEU A 366 -25.77 -5.35 15.24
CA LEU A 366 -25.78 -6.74 14.70
C LEU A 366 -27.08 -7.47 15.05
N SER A 367 -27.76 -7.06 16.12
CA SER A 367 -29.04 -7.67 16.45
C SER A 367 -30.08 -7.54 15.35
N GLY A 368 -29.98 -6.44 14.58
CA GLY A 368 -31.09 -6.17 13.64
C GLY A 368 -32.13 -5.27 14.27
N GLU A 369 -31.99 -4.87 15.55
CA GLU A 369 -33.06 -4.17 16.25
C GLU A 369 -32.94 -2.64 16.12
N ALA A 370 -33.98 -2.03 15.58
CA ALA A 370 -34.01 -0.57 15.43
C ALA A 370 -33.75 0.13 16.76
N GLU A 371 -34.36 -0.45 17.83
CA GLU A 371 -34.25 0.17 19.17
C GLU A 371 -32.82 0.14 19.65
N ASP A 372 -31.99 -0.79 19.16
CA ASP A 372 -30.58 -0.71 19.59
C ASP A 372 -29.95 0.58 19.09
N ILE A 373 -30.23 0.96 17.84
CA ILE A 373 -29.70 2.24 17.35
C ILE A 373 -30.37 3.41 18.06
N TYR A 374 -31.67 3.37 18.32
CA TYR A 374 -32.27 4.52 19.03
C TYR A 374 -31.67 4.69 20.42
N LYS A 375 -31.35 3.59 21.10
CA LYS A 375 -30.69 3.67 22.40
C LYS A 375 -29.30 4.26 22.28
N THR A 376 -28.55 3.89 21.21
CA THR A 376 -27.25 4.55 21.04
C THR A 376 -27.42 6.04 20.72
N ASP A 377 -28.40 6.45 19.96
CA ASP A 377 -28.60 7.88 19.67
C ASP A 377 -28.78 8.64 20.99
N ALA A 378 -29.58 8.03 21.88
CA ALA A 378 -29.83 8.72 23.15
C ALA A 378 -28.57 8.82 23.99
N LYS A 379 -27.77 7.73 23.96
CA LYS A 379 -26.50 7.75 24.67
C LYS A 379 -25.57 8.81 24.08
N VAL A 380 -25.52 8.96 22.76
CA VAL A 380 -24.64 9.99 22.16
C VAL A 380 -25.05 11.37 22.67
N LYS A 381 -26.33 11.65 22.70
CA LYS A 381 -26.78 12.96 23.19
C LYS A 381 -26.41 13.16 24.66
N GLU A 382 -26.44 12.11 25.47
CA GLU A 382 -26.04 12.22 26.88
C GLU A 382 -24.55 12.51 27.00
N LEU A 383 -23.71 11.92 26.13
CA LEU A 383 -22.25 12.04 26.19
C LEU A 383 -21.71 13.29 25.52
N ILE A 384 -22.53 13.88 24.64
CA ILE A 384 -22.17 15.09 23.92
C ILE A 384 -23.29 16.08 24.11
N PRO A 385 -23.48 16.54 25.32
CA PRO A 385 -24.68 17.30 25.65
C PRO A 385 -24.74 18.70 25.06
N ASP A 386 -23.61 19.29 24.65
CA ASP A 386 -23.59 20.73 24.34
C ASP A 386 -23.28 20.98 22.88
N ASP A 387 -23.58 20.01 22.02
CA ASP A 387 -23.35 20.21 20.58
C ASP A 387 -24.72 20.12 19.91
N ALA A 388 -25.33 21.30 19.74
CA ALA A 388 -26.63 21.32 19.16
C ALA A 388 -26.65 20.91 17.69
N HIS A 389 -25.57 21.17 16.95
CA HIS A 389 -25.57 20.72 15.55
C HIS A 389 -25.64 19.19 15.46
N LEU A 390 -24.91 18.54 16.36
CA LEU A 390 -24.90 17.08 16.42
C LEU A 390 -26.25 16.57 16.93
N HIS A 391 -26.80 17.20 17.95
CA HIS A 391 -28.15 16.78 18.36
C HIS A 391 -29.15 16.89 17.22
N ARG A 392 -29.08 18.01 16.47
CA ARG A 392 -29.98 18.18 15.32
C ARG A 392 -29.71 17.12 14.27
N TRP A 393 -28.44 16.78 14.04
CA TRP A 393 -28.16 15.70 13.08
C TRP A 393 -28.89 14.44 13.54
N LEU A 394 -28.73 14.07 14.83
CA LEU A 394 -29.36 12.81 15.23
C LEU A 394 -30.86 12.89 15.19
N ASP A 395 -31.43 14.07 15.44
CA ASP A 395 -32.87 14.19 15.25
C ASP A 395 -33.28 14.03 13.81
N MET A 396 -32.53 14.67 12.90
CA MET A 396 -32.87 14.50 11.49
C MET A 396 -32.70 13.06 11.03
N ALA A 397 -31.69 12.39 11.59
CA ALA A 397 -31.44 10.98 11.16
C ALA A 397 -32.63 10.17 11.61
N ARG A 398 -33.05 10.37 12.86
CA ARG A 398 -34.18 9.56 13.36
C ARG A 398 -35.45 9.87 12.58
N GLU A 399 -35.68 11.10 12.15
CA GLU A 399 -36.91 11.53 11.53
C GLU A 399 -36.93 11.30 10.02
N ARG A 400 -35.74 11.26 9.41
CA ARG A 400 -35.71 11.31 7.95
C ARG A 400 -34.84 10.23 7.32
N ILE A 401 -34.10 9.50 8.10
CA ILE A 401 -33.29 8.42 7.50
C ILE A 401 -33.89 7.08 7.91
N SER A 402 -34.39 6.33 6.91
CA SER A 402 -34.91 5.01 7.24
C SER A 402 -33.78 4.00 7.11
N PHE A 403 -33.77 3.03 8.01
CA PHE A 403 -32.72 2.01 7.96
C PHE A 403 -32.76 1.19 6.69
N GLN A 404 -31.58 0.73 6.25
CA GLN A 404 -31.45 -0.22 5.14
C GLN A 404 -30.67 -1.41 5.68
N GLY A 405 -31.23 -2.60 5.58
CA GLY A 405 -30.56 -3.75 6.19
C GLY A 405 -30.44 -3.60 7.70
N LEU A 406 -29.28 -4.01 8.22
CA LEU A 406 -29.11 -3.87 9.68
C LEU A 406 -29.24 -2.43 10.11
N PRO A 407 -30.00 -2.07 11.13
CA PRO A 407 -30.01 -0.68 11.62
C PRO A 407 -28.60 -0.20 11.93
N ALA A 408 -28.33 1.01 11.44
CA ALA A 408 -27.01 1.62 11.56
C ALA A 408 -27.16 3.14 11.70
N ARG A 409 -26.10 3.77 12.13
CA ARG A 409 -26.12 5.23 12.28
C ARG A 409 -24.82 5.82 11.79
N ILE A 410 -24.92 6.88 10.97
CA ILE A 410 -23.80 7.76 10.68
C ILE A 410 -23.85 8.91 11.70
N CYS A 411 -22.67 9.25 12.24
CA CYS A 411 -22.63 10.39 13.16
C CYS A 411 -21.20 10.93 13.18
N TRP A 412 -20.95 12.02 12.45
CA TRP A 412 -19.61 12.56 12.39
C TRP A 412 -19.11 13.08 13.72
N VAL A 413 -18.04 12.47 14.25
CA VAL A 413 -17.37 12.95 15.45
C VAL A 413 -15.89 12.63 15.25
N GLY A 414 -15.06 13.31 16.04
CA GLY A 414 -13.64 13.29 15.85
C GLY A 414 -12.83 12.73 17.00
N LEU A 415 -11.56 13.15 17.00
CA LEU A 415 -10.62 12.65 17.98
C LEU A 415 -11.07 13.05 19.40
N GLY A 416 -11.16 12.05 20.27
CA GLY A 416 -11.56 12.26 21.67
C GLY A 416 -12.93 11.61 21.84
N LEU A 417 -13.93 12.12 21.13
CA LEU A 417 -15.29 11.59 21.29
C LEU A 417 -15.48 10.23 20.67
N ARG A 418 -14.74 9.83 19.63
CA ARG A 418 -14.97 8.48 19.09
C ARG A 418 -14.75 7.40 20.16
N ALA A 419 -13.63 7.51 20.89
CA ALA A 419 -13.37 6.53 21.94
C ALA A 419 -14.40 6.60 23.06
N LYS A 420 -14.83 7.82 23.39
CA LYS A 420 -15.83 7.93 24.47
C LYS A 420 -17.11 7.19 24.09
N LEU A 421 -17.56 7.38 22.87
CA LEU A 421 -18.74 6.71 22.38
C LEU A 421 -18.54 5.18 22.32
N GLY A 422 -17.40 4.77 21.76
CA GLY A 422 -17.19 3.33 21.63
C GLY A 422 -17.14 2.63 22.98
N LEU A 423 -16.49 3.23 23.99
CA LEU A 423 -16.48 2.59 25.31
C LEU A 423 -17.88 2.55 25.91
N ALA A 424 -18.65 3.62 25.72
CA ALA A 424 -19.99 3.63 26.25
C ALA A 424 -20.86 2.58 25.57
N PHE A 425 -20.72 2.40 24.25
CA PHE A 425 -21.53 1.38 23.57
C PHE A 425 -21.12 0.00 24.09
N ASN A 426 -19.83 -0.18 24.29
CA ASN A 426 -19.38 -1.49 24.77
C ASN A 426 -20.02 -1.78 26.12
N GLU A 427 -20.11 -0.76 26.97
CA GLU A 427 -20.74 -0.97 28.26
C GLU A 427 -22.23 -1.20 28.15
N MET A 428 -22.92 -0.61 27.19
CA MET A 428 -24.34 -0.92 26.96
C MET A 428 -24.55 -2.32 26.45
N VAL A 429 -23.63 -2.89 25.69
CA VAL A 429 -23.70 -4.29 25.32
C VAL A 429 -23.50 -5.15 26.57
N ARG A 430 -22.49 -4.78 27.38
CA ARG A 430 -22.25 -5.59 28.58
C ARG A 430 -23.47 -5.60 29.50
N SER A 431 -24.15 -4.49 29.62
CA SER A 431 -25.22 -4.42 30.59
C SER A 431 -26.50 -5.04 30.07
N GLY A 432 -26.61 -5.29 28.77
CA GLY A 432 -27.86 -5.78 28.16
C GLY A 432 -28.80 -4.66 27.75
N GLU A 433 -28.38 -3.40 27.90
CA GLU A 433 -29.17 -2.30 27.33
C GLU A 433 -29.33 -2.51 25.81
N LEU A 434 -28.20 -2.89 25.19
CA LEU A 434 -28.20 -3.24 23.78
C LEU A 434 -28.41 -4.75 23.71
N SER A 435 -29.23 -5.14 22.74
CA SER A 435 -29.61 -6.55 22.72
C SER A 435 -28.52 -7.45 22.18
N ALA A 436 -27.51 -6.98 21.45
CA ALA A 436 -26.43 -7.78 20.86
C ALA A 436 -25.27 -6.82 20.59
N PRO A 437 -24.10 -7.36 20.33
CA PRO A 437 -22.96 -6.47 20.05
C PRO A 437 -23.22 -5.51 18.88
N VAL A 438 -22.40 -4.45 18.91
CA VAL A 438 -22.49 -3.52 17.81
C VAL A 438 -21.11 -3.43 17.15
N VAL A 439 -21.07 -3.05 15.89
CA VAL A 439 -19.80 -2.82 15.22
C VAL A 439 -19.63 -1.32 15.01
N ILE A 440 -18.39 -0.86 15.15
CA ILE A 440 -18.06 0.54 14.91
C ILE A 440 -17.07 0.60 13.78
N GLY A 441 -17.34 1.45 12.81
CA GLY A 441 -16.48 1.57 11.65
C GLY A 441 -16.54 2.98 11.13
N ARG A 442 -16.33 3.09 9.81
CA ARG A 442 -16.25 4.39 9.13
C ARG A 442 -16.12 4.07 7.64
N ASP A 443 -16.37 5.10 6.84
CA ASP A 443 -15.91 5.03 5.45
C ASP A 443 -14.39 5.01 5.45
N HIS A 444 -13.78 4.71 4.30
CA HIS A 444 -12.35 4.94 4.12
C HIS A 444 -12.06 6.43 3.85
N LEU A 445 -13.03 7.27 3.49
CA LEU A 445 -12.95 8.72 3.49
C LEU A 445 -12.96 9.11 4.95
N ASP A 446 -11.83 9.50 5.46
CA ASP A 446 -11.70 9.91 6.86
C ASP A 446 -10.34 10.58 6.97
N SER A 447 -10.08 11.28 8.08
CA SER A 447 -8.95 12.19 8.14
C SER A 447 -7.61 11.50 8.02
N GLY A 448 -7.46 10.27 8.48
CA GLY A 448 -6.16 9.64 8.48
C GLY A 448 -6.01 8.45 7.56
N SER A 449 -7.03 8.19 6.76
CA SER A 449 -7.11 6.89 6.09
C SER A 449 -7.13 6.98 4.58
N VAL A 450 -6.80 8.13 3.98
CA VAL A 450 -6.95 8.21 2.50
C VAL A 450 -5.99 9.22 1.93
N SER A 451 -5.37 8.85 0.81
CA SER A 451 -4.60 9.77 -0.02
C SER A 451 -5.24 9.76 -1.39
N SER A 452 -5.63 10.94 -1.85
CA SER A 452 -6.45 11.02 -3.07
C SER A 452 -6.36 12.49 -3.58
N PRO A 453 -5.38 12.81 -4.37
CA PRO A 453 -5.13 14.20 -4.77
C PRO A 453 -6.26 14.86 -5.55
N ASN A 454 -7.23 14.11 -6.08
CA ASN A 454 -8.37 14.72 -6.75
C ASN A 454 -9.62 14.69 -5.88
N ALA A 455 -9.40 14.33 -4.60
CA ALA A 455 -10.51 14.27 -3.66
C ALA A 455 -10.02 14.63 -2.24
N GLU A 456 -9.89 13.68 -1.32
CA GLU A 456 -9.65 14.06 0.07
C GLU A 456 -8.33 14.76 0.35
N THR A 457 -7.29 14.55 -0.45
CA THR A 457 -6.04 15.25 -0.22
C THR A 457 -5.72 16.22 -1.35
N GLU A 458 -6.74 16.69 -2.05
CA GLU A 458 -6.51 17.75 -3.04
C GLU A 458 -6.02 19.04 -2.42
N ALA A 459 -4.96 19.61 -3.00
CA ALA A 459 -4.51 20.96 -2.61
C ALA A 459 -4.17 21.00 -1.13
N MET A 460 -3.43 20.00 -0.64
CA MET A 460 -2.86 20.10 0.71
C MET A 460 -1.97 21.31 0.79
N ARG A 461 -1.99 22.09 1.86
CA ARG A 461 -1.28 23.38 1.87
C ARG A 461 0.21 23.21 1.68
N ASP A 462 0.80 22.03 1.97
CA ASP A 462 2.24 21.83 1.85
C ASP A 462 2.57 21.09 0.55
N GLY A 463 1.59 20.78 -0.32
CA GLY A 463 1.93 20.12 -1.54
C GLY A 463 2.01 18.60 -1.43
N SER A 464 1.60 18.03 -0.30
CA SER A 464 1.82 16.59 -0.06
C SER A 464 0.66 15.74 -0.53
N ASP A 465 -0.19 16.23 -1.42
CA ASP A 465 -1.41 15.57 -1.92
C ASP A 465 -1.21 14.06 -2.18
N ALA A 466 -0.13 13.70 -2.86
CA ALA A 466 0.05 12.32 -3.36
C ALA A 466 0.75 11.43 -2.38
N VAL A 467 1.14 11.89 -1.21
CA VAL A 467 1.87 11.03 -0.27
C VAL A 467 0.93 10.00 0.33
N SER A 468 1.19 8.71 0.10
CA SER A 468 0.23 7.68 0.54
C SER A 468 0.84 6.85 1.67
N ASP A 469 1.91 7.32 2.29
CA ASP A 469 2.39 6.60 3.48
C ASP A 469 1.30 6.55 4.54
N TRP A 470 0.52 7.63 4.63
CA TRP A 470 -0.41 7.79 5.76
C TRP A 470 -1.48 6.74 5.83
N PRO A 471 -2.27 6.44 4.79
CA PRO A 471 -3.24 5.34 4.96
C PRO A 471 -2.57 4.00 5.26
N LEU A 472 -1.39 3.76 4.72
CA LEU A 472 -0.71 2.49 5.01
C LEU A 472 -0.36 2.41 6.49
N LEU A 473 0.16 3.51 7.05
CA LEU A 473 0.45 3.53 8.49
C LEU A 473 -0.84 3.38 9.29
N ASN A 474 -1.95 3.98 8.83
CA ASN A 474 -3.21 3.86 9.56
C ASN A 474 -3.64 2.40 9.64
N ALA A 475 -3.52 1.66 8.53
CA ALA A 475 -3.92 0.26 8.56
C ALA A 475 -2.98 -0.57 9.45
N LEU A 476 -1.67 -0.31 9.36
CA LEU A 476 -0.73 -1.01 10.24
C LEU A 476 -1.08 -0.75 11.70
N LEU A 477 -1.36 0.51 12.01
CA LEU A 477 -1.63 0.88 13.40
C LEU A 477 -2.96 0.31 13.88
N ASN A 478 -4.00 0.30 13.05
CA ASN A 478 -5.23 -0.39 13.44
C ASN A 478 -5.04 -1.87 13.72
N THR A 479 -4.16 -2.49 12.97
CA THR A 479 -3.86 -3.91 13.19
C THR A 479 -3.15 -4.09 14.51
N ALA A 480 -2.16 -3.24 14.77
CA ALA A 480 -1.41 -3.30 16.02
C ALA A 480 -2.31 -3.03 17.24
N GLY A 481 -3.34 -2.18 17.08
CA GLY A 481 -4.17 -1.74 18.21
C GLY A 481 -5.30 -2.69 18.47
N GLY A 482 -5.71 -3.49 17.49
CA GLY A 482 -6.75 -4.48 17.77
C GLY A 482 -8.08 -4.25 17.14
N ALA A 483 -8.13 -3.53 16.00
CA ALA A 483 -9.40 -3.54 15.26
C ALA A 483 -9.79 -4.97 14.91
N THR A 484 -11.08 -5.20 14.64
CA THR A 484 -11.53 -6.56 14.37
C THR A 484 -11.31 -6.94 12.92
N TRP A 485 -11.45 -6.00 11.98
CA TRP A 485 -10.91 -6.28 10.64
C TRP A 485 -10.38 -4.95 10.08
N VAL A 486 -9.33 -5.10 9.28
CA VAL A 486 -8.58 -3.97 8.75
C VAL A 486 -8.39 -4.17 7.26
N SER A 487 -8.47 -3.10 6.49
CA SER A 487 -8.42 -3.21 5.06
C SER A 487 -7.53 -2.14 4.46
N LEU A 488 -6.86 -2.54 3.36
CA LEU A 488 -6.12 -1.63 2.50
C LEU A 488 -6.64 -1.76 1.07
N HIS A 489 -7.13 -0.68 0.53
CA HIS A 489 -7.73 -0.69 -0.78
C HIS A 489 -7.07 0.39 -1.66
N HIS A 490 -7.25 0.17 -2.97
CA HIS A 490 -6.76 1.13 -3.97
C HIS A 490 -7.90 1.49 -4.87
N GLY A 491 -7.97 2.81 -5.19
CA GLY A 491 -8.89 3.26 -6.23
C GLY A 491 -10.32 3.52 -5.84
N GLY A 492 -10.64 3.46 -4.57
CA GLY A 492 -11.99 3.80 -4.17
C GLY A 492 -12.27 5.24 -4.50
N GLY A 493 -13.56 5.52 -4.78
CA GLY A 493 -14.00 6.90 -4.97
C GLY A 493 -13.68 7.39 -6.39
N VAL A 494 -12.38 7.55 -6.64
CA VAL A 494 -11.86 8.20 -7.82
C VAL A 494 -11.37 7.20 -8.89
N GLY A 495 -11.28 5.91 -8.58
CA GLY A 495 -10.93 4.96 -9.60
C GLY A 495 -9.45 4.59 -9.61
N MET A 496 -9.15 3.56 -10.41
CA MET A 496 -7.81 3.01 -10.51
C MET A 496 -6.79 4.09 -10.79
N GLY A 497 -5.75 4.11 -9.98
CA GLY A 497 -4.62 5.01 -10.13
C GLY A 497 -4.68 6.21 -9.24
N PHE A 498 -5.85 6.50 -8.63
CA PHE A 498 -6.04 7.83 -8.05
C PHE A 498 -6.22 7.91 -6.54
N SER A 499 -6.25 6.78 -5.84
CA SER A 499 -6.36 6.84 -4.37
C SER A 499 -5.83 5.55 -3.79
N GLN A 500 -5.37 5.69 -2.56
CA GLN A 500 -5.04 4.56 -1.68
C GLN A 500 -5.65 4.85 -0.33
N HIS A 501 -6.18 3.85 0.36
CA HIS A 501 -6.94 4.16 1.56
C HIS A 501 -7.13 2.91 2.40
N SER A 502 -7.46 3.14 3.68
CA SER A 502 -7.56 2.07 4.65
C SER A 502 -8.92 2.08 5.34
N GLY A 503 -9.31 0.92 5.85
CA GLY A 503 -10.56 0.76 6.57
C GLY A 503 -10.28 0.03 7.86
N MET A 504 -11.19 0.18 8.80
CA MET A 504 -11.20 -0.52 10.07
C MET A 504 -12.63 -0.72 10.53
N VAL A 505 -12.86 -1.82 11.21
CA VAL A 505 -14.10 -2.02 11.95
C VAL A 505 -13.70 -2.67 13.29
N ILE A 506 -14.36 -2.29 14.36
CA ILE A 506 -14.10 -2.93 15.65
C ILE A 506 -15.46 -3.33 16.27
N VAL A 507 -15.51 -4.55 16.82
CA VAL A 507 -16.67 -5.06 17.50
C VAL A 507 -16.69 -4.72 19.00
N CYS A 508 -17.86 -4.23 19.41
CA CYS A 508 -18.10 -3.97 20.83
C CYS A 508 -18.94 -5.13 21.35
N ASP A 509 -18.26 -6.10 21.99
CA ASP A 509 -19.03 -7.26 22.42
C ASP A 509 -19.27 -7.27 23.92
N GLY A 510 -19.00 -6.15 24.59
CA GLY A 510 -19.29 -5.97 26.02
C GLY A 510 -18.18 -6.49 26.90
N THR A 511 -17.10 -7.05 26.31
CA THR A 511 -16.04 -7.62 27.14
C THR A 511 -14.97 -6.58 27.54
N ASP A 512 -14.26 -6.90 28.61
CA ASP A 512 -13.17 -6.07 29.07
C ASP A 512 -12.07 -6.10 27.99
N GLU A 513 -11.90 -7.24 27.35
CA GLU A 513 -10.84 -7.26 26.32
C GLU A 513 -11.15 -6.29 25.19
N ALA A 514 -12.42 -6.31 24.78
CA ALA A 514 -12.80 -5.36 23.72
C ALA A 514 -12.64 -3.93 24.18
N ALA A 515 -12.96 -3.61 25.43
CA ALA A 515 -12.81 -2.27 25.92
C ALA A 515 -11.36 -1.80 25.81
N GLU A 516 -10.39 -2.67 26.14
CA GLU A 516 -8.99 -2.26 26.00
C GLU A 516 -8.66 -1.97 24.54
N ARG A 517 -9.13 -2.82 23.61
CA ARG A 517 -8.86 -2.53 22.20
C ARG A 517 -9.54 -1.26 21.75
N ILE A 518 -10.82 -1.09 22.12
CA ILE A 518 -11.58 0.09 21.68
C ILE A 518 -10.91 1.36 22.13
N ALA A 519 -10.46 1.44 23.39
CA ALA A 519 -9.93 2.69 23.91
C ALA A 519 -8.73 3.15 23.06
N ARG A 520 -7.87 2.19 22.65
CA ARG A 520 -6.69 2.64 21.90
C ARG A 520 -7.05 2.76 20.41
N VAL A 521 -7.84 1.86 19.86
CA VAL A 521 -8.11 1.93 18.43
C VAL A 521 -8.89 3.15 18.03
N LEU A 522 -9.90 3.52 18.87
CA LEU A 522 -10.71 4.71 18.51
C LEU A 522 -10.06 6.01 18.94
N THR A 523 -8.93 5.99 19.65
CA THR A 523 -8.03 7.12 19.81
C THR A 523 -7.09 7.18 18.62
N ASN A 524 -6.47 6.05 18.29
CA ASN A 524 -5.40 6.07 17.30
C ASN A 524 -5.93 6.35 15.89
N ASP A 525 -7.09 5.80 15.57
CA ASP A 525 -7.60 5.93 14.19
C ASP A 525 -7.88 7.37 13.84
N PRO A 526 -8.67 8.16 14.57
CA PRO A 526 -8.74 9.58 14.25
C PRO A 526 -7.44 10.29 14.59
N GLY A 527 -6.66 9.80 15.56
CA GLY A 527 -5.39 10.43 15.89
C GLY A 527 -4.46 10.51 14.69
N THR A 528 -4.49 9.47 13.84
CA THR A 528 -3.59 9.48 12.69
C THR A 528 -4.00 10.56 11.70
N GLY A 529 -5.29 10.92 11.69
CA GLY A 529 -5.70 11.97 10.75
C GLY A 529 -5.35 13.36 11.28
N VAL A 530 -5.49 13.55 12.58
CA VAL A 530 -5.00 14.83 13.17
C VAL A 530 -3.50 14.91 12.97
N MET A 531 -2.78 13.79 13.22
CA MET A 531 -1.34 13.77 12.94
C MET A 531 -0.99 14.16 11.52
N ARG A 532 -1.72 13.59 10.55
CA ARG A 532 -1.42 13.79 9.15
C ARG A 532 -1.68 15.26 8.77
N HIS A 533 -2.75 15.85 9.31
CA HIS A 533 -3.02 17.26 8.97
C HIS A 533 -2.13 18.20 9.75
N ALA A 534 -1.70 17.78 10.94
CA ALA A 534 -0.71 18.59 11.67
C ALA A 534 0.64 18.60 10.98
N ASP A 535 1.01 17.43 10.40
CA ASP A 535 2.24 17.32 9.63
C ASP A 535 2.25 18.24 8.42
N ALA A 536 1.07 18.36 7.80
CA ALA A 536 0.91 19.24 6.68
C ALA A 536 0.94 20.71 7.12
N GLY A 537 0.84 21.01 8.40
CA GLY A 537 1.02 22.38 8.89
C GLY A 537 -0.30 23.08 9.11
N TYR A 538 -1.45 22.37 9.16
CA TYR A 538 -2.72 23.05 9.48
C TYR A 538 -2.78 23.38 10.96
N ASP A 539 -2.89 24.67 11.27
CA ASP A 539 -2.87 25.13 12.63
C ASP A 539 -4.02 24.53 13.38
N ILE A 540 -5.19 24.32 12.78
CA ILE A 540 -6.31 23.74 13.51
C ILE A 540 -6.01 22.30 13.88
N ALA A 541 -5.25 21.58 13.05
CA ALA A 541 -4.88 20.20 13.42
C ALA A 541 -3.81 20.18 14.51
N ILE A 542 -2.86 21.13 14.42
CA ILE A 542 -1.85 21.22 15.49
C ILE A 542 -2.53 21.53 16.83
N ASP A 543 -3.52 22.45 16.80
CA ASP A 543 -4.25 22.81 18.01
C ASP A 543 -4.97 21.57 18.57
N CYS A 544 -5.61 20.82 17.67
CA CYS A 544 -6.33 19.61 18.13
C CYS A 544 -5.38 18.59 18.73
N ALA A 545 -4.22 18.39 18.08
CA ALA A 545 -3.22 17.49 18.58
C ALA A 545 -2.82 17.86 20.01
N LYS A 546 -2.62 19.17 20.24
CA LYS A 546 -2.18 19.60 21.57
C LYS A 546 -3.30 19.38 22.57
N GLU A 547 -4.56 19.72 22.19
CA GLU A 547 -5.70 19.60 23.07
C GLU A 547 -5.92 18.16 23.51
N GLN A 548 -5.71 17.24 22.55
CA GLN A 548 -5.95 15.82 22.77
C GLN A 548 -4.73 15.09 23.31
N GLY A 549 -3.59 15.73 23.50
CA GLY A 549 -2.40 15.14 24.05
C GLY A 549 -1.73 14.16 23.11
N LEU A 550 -1.82 14.32 21.79
CA LEU A 550 -1.11 13.42 20.91
C LEU A 550 0.40 13.60 21.04
N ASP A 551 1.12 12.51 20.83
CA ASP A 551 2.59 12.49 20.94
C ASP A 551 3.11 12.51 19.52
N LEU A 552 3.45 13.67 19.02
CA LEU A 552 3.85 13.88 17.61
C LEU A 552 5.30 14.34 17.67
N PRO A 553 6.27 13.42 17.59
CA PRO A 553 7.66 13.82 17.91
C PRO A 553 8.23 15.02 17.17
N MET A 554 7.86 15.29 15.93
CA MET A 554 8.45 16.44 15.23
C MET A 554 7.72 17.74 15.56
N ILE A 555 6.60 17.63 16.29
CA ILE A 555 5.80 18.82 16.59
C ILE A 555 5.77 19.07 18.11
N THR A 556 5.47 18.06 18.92
CA THR A 556 5.42 18.17 20.36
C THR A 556 6.70 17.66 21.01
N GLY A 557 7.63 17.03 20.28
CA GLY A 557 8.97 16.79 20.86
C GLY A 557 9.28 15.32 21.07
N ASN B 5 21.24 20.06 7.21
CA ASN B 5 20.19 19.11 7.45
C ASN B 5 20.33 17.88 6.55
N LYS B 6 21.12 17.93 5.49
CA LYS B 6 21.35 16.85 4.55
C LYS B 6 22.68 16.10 4.69
N TYR B 7 23.65 16.82 5.17
CA TYR B 7 25.03 16.38 5.27
C TYR B 7 25.50 16.55 6.72
N ARG B 8 26.09 15.52 7.29
CA ARG B 8 26.66 15.61 8.62
C ARG B 8 27.99 14.89 8.62
N ASP B 9 29.04 15.65 8.98
CA ASP B 9 30.39 15.10 8.99
C ASP B 9 30.60 14.34 10.29
N VAL B 10 30.00 13.18 10.35
CA VAL B 10 30.04 12.29 11.47
C VAL B 10 30.13 10.85 11.00
N GLU B 11 30.85 10.09 11.81
CA GLU B 11 30.84 8.64 11.64
C GLU B 11 29.88 8.07 12.67
N ILE B 12 28.93 7.26 12.21
CA ILE B 12 27.97 6.63 13.11
C ILE B 12 28.17 5.13 13.12
N ARG B 13 28.11 4.51 14.28
CA ARG B 13 28.20 3.06 14.37
C ARG B 13 27.21 2.56 15.42
N ALA B 14 26.72 1.34 15.26
CA ALA B 14 25.84 0.82 16.28
C ALA B 14 26.53 0.69 17.63
N PRO B 15 25.87 1.06 18.73
CA PRO B 15 26.29 0.66 20.08
C PRO B 15 26.56 -0.85 20.14
N ARG B 16 27.55 -1.22 20.96
CA ARG B 16 27.88 -2.64 21.10
C ARG B 16 27.60 -3.18 22.48
N GLY B 17 27.75 -4.50 22.63
CA GLY B 17 27.67 -5.08 23.96
C GLY B 17 26.29 -5.02 24.56
N ASN B 18 26.21 -5.19 25.89
CA ASN B 18 24.95 -5.45 26.56
C ASN B 18 24.32 -4.25 27.25
N LYS B 19 24.97 -3.09 27.26
CA LYS B 19 24.36 -1.94 27.91
C LYS B 19 23.29 -1.32 27.03
N LEU B 20 22.13 -1.04 27.59
CA LEU B 20 21.07 -0.43 26.81
C LEU B 20 21.13 1.09 26.99
N THR B 21 20.71 1.78 25.93
CA THR B 21 20.40 3.20 26.12
C THR B 21 18.89 3.41 25.98
N ALA B 22 18.22 2.58 25.19
CA ALA B 22 16.75 2.57 25.10
C ALA B 22 16.18 1.78 26.26
N LYS B 23 14.86 1.73 26.42
CA LYS B 23 14.28 1.15 27.63
C LYS B 23 14.20 -0.36 27.62
N SER B 24 14.38 -1.00 26.46
CA SER B 24 14.30 -2.45 26.37
C SER B 24 15.05 -2.92 25.12
N TRP B 25 15.25 -4.24 25.03
CA TRP B 25 15.95 -4.69 23.80
C TRP B 25 15.06 -4.52 22.59
N LEU B 26 13.73 -4.51 22.78
CA LEU B 26 12.88 -4.36 21.58
C LEU B 26 12.99 -2.95 21.00
N THR B 27 13.40 -1.93 21.76
CA THR B 27 13.54 -0.58 21.23
C THR B 27 15.03 -0.26 21.02
N GLU B 28 15.91 -0.91 21.79
CA GLU B 28 17.35 -0.80 21.51
C GLU B 28 17.65 -1.38 20.14
N ALA B 29 16.95 -2.46 19.73
CA ALA B 29 17.31 -3.11 18.48
C ALA B 29 17.14 -2.21 17.26
N PRO B 30 15.99 -1.57 17.06
CA PRO B 30 15.88 -0.68 15.87
C PRO B 30 16.84 0.49 15.98
N LEU B 31 17.12 0.96 17.21
CA LEU B 31 18.10 2.05 17.40
C LEU B 31 19.47 1.61 16.87
N ARG B 32 19.91 0.40 17.25
CA ARG B 32 21.21 -0.10 16.80
C ARG B 32 21.21 -0.41 15.31
N MET B 33 20.10 -0.94 14.77
CA MET B 33 20.13 -1.27 13.34
C MET B 33 20.03 -0.05 12.46
N LEU B 34 19.34 1.00 12.91
CA LEU B 34 19.38 2.28 12.20
C LEU B 34 20.80 2.80 12.12
N MET B 35 21.52 2.78 13.27
CA MET B 35 22.89 3.27 13.29
C MET B 35 23.80 2.38 12.43
N ASN B 36 23.54 1.07 12.48
CA ASN B 36 24.37 0.12 11.72
C ASN B 36 24.21 0.40 10.24
N ASN B 37 22.99 0.78 9.81
CA ASN B 37 22.74 1.10 8.41
C ASN B 37 23.60 2.27 7.94
N LEU B 38 24.09 3.12 8.86
CA LEU B 38 24.92 4.27 8.54
C LEU B 38 26.38 4.03 8.88
N ASP B 39 26.76 2.83 9.29
CA ASP B 39 28.19 2.62 9.62
C ASP B 39 29.08 2.87 8.41
N PRO B 40 30.23 3.52 8.54
CA PRO B 40 31.09 3.78 7.37
C PRO B 40 31.53 2.49 6.71
N GLN B 41 31.52 1.35 7.40
CA GLN B 41 31.95 0.09 6.78
C GLN B 41 30.77 -0.58 6.09
N VAL B 42 29.55 -0.06 6.26
CA VAL B 42 28.31 -0.62 5.73
C VAL B 42 27.70 0.17 4.61
N ALA B 43 27.55 1.48 4.78
CA ALA B 43 26.76 2.33 3.91
C ALA B 43 27.61 2.92 2.79
N GLU B 44 26.98 3.16 1.63
CA GLU B 44 27.68 3.80 0.52
C GLU B 44 27.97 5.27 0.80
N ASN B 45 27.09 6.06 1.41
CA ASN B 45 27.38 7.50 1.58
C ASN B 45 26.65 8.02 2.79
N PRO B 46 26.99 7.48 3.95
CA PRO B 46 26.20 7.76 5.17
C PRO B 46 26.29 9.20 5.70
N LYS B 47 27.26 10.01 5.27
CA LYS B 47 27.24 11.39 5.77
C LYS B 47 26.09 12.14 5.12
N GLU B 48 25.53 11.64 4.03
CA GLU B 48 24.28 12.17 3.49
C GLU B 48 23.11 11.22 3.68
N LEU B 49 23.18 10.35 4.65
CA LEU B 49 22.11 9.41 5.05
C LEU B 49 21.91 8.26 4.04
N VAL B 50 22.75 8.17 2.99
CA VAL B 50 22.55 7.21 1.92
C VAL B 50 23.22 5.88 2.28
N VAL B 51 22.41 4.83 2.24
CA VAL B 51 22.80 3.49 2.54
C VAL B 51 23.17 2.74 1.25
N TYR B 52 22.30 2.66 0.28
CA TYR B 52 22.64 1.97 -0.97
C TYR B 52 21.64 2.36 -2.06
N GLY B 53 21.84 1.84 -3.28
CA GLY B 53 20.72 1.80 -4.23
C GLY B 53 20.28 3.17 -4.74
N GLY B 54 21.24 3.97 -5.20
CA GLY B 54 20.89 5.34 -5.62
C GLY B 54 20.80 6.20 -4.37
N ILE B 55 19.64 6.79 -4.08
CA ILE B 55 19.54 7.66 -2.89
C ILE B 55 18.67 6.97 -1.84
N GLY B 56 18.83 5.66 -1.63
CA GLY B 56 18.10 4.96 -0.56
C GLY B 56 18.68 5.37 0.78
N ARG B 57 17.81 5.98 1.59
CA ARG B 57 18.26 6.63 2.84
C ARG B 57 17.67 5.97 4.06
N ALA B 58 18.37 6.18 5.20
CA ALA B 58 17.92 5.62 6.47
C ALA B 58 16.95 6.55 7.22
N ALA B 59 17.02 7.88 6.96
CA ALA B 59 16.13 8.82 7.65
C ALA B 59 16.00 10.00 6.70
N ARG B 60 14.95 10.81 6.88
CA ARG B 60 14.70 11.79 5.81
C ARG B 60 15.81 12.84 5.68
N ASN B 61 16.29 13.28 6.85
CA ASN B 61 17.30 14.33 6.97
C ASN B 61 17.84 14.22 8.39
N TRP B 62 18.86 15.03 8.73
CA TRP B 62 19.52 14.82 10.04
C TRP B 62 18.66 15.25 11.22
N GLU B 63 17.77 16.21 11.07
CA GLU B 63 16.84 16.49 12.17
C GLU B 63 15.93 15.30 12.45
N CYS B 64 15.45 14.66 11.38
CA CYS B 64 14.60 13.49 11.53
C CYS B 64 15.38 12.32 12.15
N TYR B 65 16.64 12.14 11.70
CA TYR B 65 17.49 11.11 12.32
C TYR B 65 17.54 11.34 13.83
N ASP B 66 17.94 12.56 14.22
CA ASP B 66 18.11 12.79 15.66
C ASP B 66 16.85 12.54 16.45
N LYS B 67 15.69 12.93 15.85
CA LYS B 67 14.43 12.74 16.55
C LYS B 67 14.02 11.28 16.60
N ILE B 68 14.34 10.50 15.55
CA ILE B 68 14.07 9.06 15.65
C ILE B 68 14.89 8.46 16.79
N VAL B 69 16.19 8.81 16.85
CA VAL B 69 17.03 8.23 17.93
C VAL B 69 16.48 8.62 19.32
N GLU B 70 16.18 9.92 19.46
CA GLU B 70 15.61 10.38 20.72
C GLU B 70 14.30 9.67 21.11
N THR B 71 13.44 9.48 20.10
CA THR B 71 12.13 8.89 20.36
C THR B 71 12.25 7.38 20.65
N LEU B 72 13.06 6.65 19.91
CA LEU B 72 13.33 5.25 20.23
C LEU B 72 13.87 5.11 21.63
N THR B 73 14.76 6.05 22.01
CA THR B 73 15.35 5.94 23.35
C THR B 73 14.29 6.03 24.47
N ARG B 74 13.21 6.76 24.27
CA ARG B 74 12.22 6.93 25.33
C ARG B 74 10.99 6.09 25.14
N LEU B 75 10.84 5.37 24.02
CA LEU B 75 9.63 4.62 23.70
C LEU B 75 9.32 3.56 24.75
N GLU B 76 8.08 3.51 25.18
CA GLU B 76 7.66 2.55 26.18
C GLU B 76 7.28 1.22 25.52
N ASP B 77 7.07 0.20 26.36
CA ASP B 77 6.95 -1.14 25.81
C ASP B 77 5.59 -1.39 25.18
N ASP B 78 4.60 -0.56 25.40
CA ASP B 78 3.31 -0.63 24.78
C ASP B 78 3.10 0.56 23.84
N GLU B 79 4.14 1.23 23.38
CA GLU B 79 4.02 2.35 22.44
C GLU B 79 4.60 1.95 21.11
N THR B 80 4.04 2.54 20.07
CA THR B 80 4.52 2.28 18.70
C THR B 80 4.84 3.61 18.01
N LEU B 81 6.03 3.75 17.51
CA LEU B 81 6.44 4.88 16.71
C LEU B 81 6.07 4.64 15.23
N LEU B 82 5.44 5.64 14.60
CA LEU B 82 5.21 5.68 13.17
C LEU B 82 6.31 6.51 12.48
N VAL B 83 6.93 5.92 11.50
CA VAL B 83 7.93 6.57 10.67
C VAL B 83 7.34 6.70 9.28
N GLN B 84 7.27 7.92 8.78
CA GLN B 84 6.66 8.27 7.50
C GLN B 84 7.75 8.85 6.59
N SER B 85 8.15 8.14 5.55
CA SER B 85 9.28 8.53 4.69
C SER B 85 10.40 9.15 5.52
N GLY B 86 10.86 8.35 6.50
CA GLY B 86 12.03 8.64 7.30
C GLY B 86 11.87 9.72 8.35
N LYS B 87 10.63 10.05 8.68
CA LYS B 87 10.31 11.10 9.67
C LYS B 87 9.51 10.49 10.80
N PRO B 88 9.87 10.72 12.06
CA PRO B 88 9.11 10.18 13.18
C PRO B 88 7.89 11.06 13.46
N VAL B 89 6.72 10.59 12.99
CA VAL B 89 5.55 11.48 12.95
C VAL B 89 4.61 11.29 14.11
N GLY B 90 4.54 10.12 14.76
CA GLY B 90 3.60 9.94 15.87
C GLY B 90 3.98 8.74 16.71
N VAL B 91 3.57 8.81 17.97
CA VAL B 91 3.73 7.68 18.89
C VAL B 91 2.35 7.35 19.43
N PHE B 92 1.91 6.13 19.30
CA PHE B 92 0.55 5.74 19.69
C PHE B 92 0.58 4.51 20.60
N LYS B 93 -0.40 4.38 21.49
CA LYS B 93 -0.49 3.21 22.35
C LYS B 93 -1.00 1.99 21.63
N THR B 94 -0.26 0.90 21.76
CA THR B 94 -0.68 -0.39 21.23
C THR B 94 -0.50 -1.41 22.37
N HIS B 95 0.41 -2.36 22.23
CA HIS B 95 0.62 -3.33 23.33
C HIS B 95 1.98 -3.99 23.07
N SER B 96 2.45 -4.76 24.03
CA SER B 96 3.81 -5.26 23.98
C SER B 96 4.00 -6.34 22.92
N ASN B 97 2.92 -6.94 22.42
CA ASN B 97 3.07 -7.92 21.34
C ASN B 97 2.81 -7.37 19.94
N ALA B 98 2.70 -6.06 19.83
CA ALA B 98 2.67 -5.36 18.55
C ALA B 98 4.08 -4.88 18.21
N PRO B 99 4.32 -4.47 16.95
CA PRO B 99 5.60 -3.89 16.63
C PRO B 99 5.81 -2.58 17.38
N ARG B 100 7.06 -2.30 17.72
CA ARG B 100 7.44 -1.04 18.33
C ARG B 100 7.57 0.07 17.28
N VAL B 101 7.82 -0.30 16.01
CA VAL B 101 7.95 0.72 14.96
C VAL B 101 7.18 0.26 13.73
N LEU B 102 6.40 1.15 13.17
CA LEU B 102 5.69 0.91 11.91
C LEU B 102 6.21 1.95 10.92
N ILE B 103 6.69 1.47 9.77
CA ILE B 103 7.39 2.33 8.84
C ILE B 103 6.71 2.33 7.47
N ALA B 104 6.47 3.48 6.89
CA ALA B 104 5.94 3.53 5.50
C ALA B 104 6.75 4.60 4.78
N ASN B 105 7.53 4.18 3.76
CA ASN B 105 8.44 5.05 3.07
C ASN B 105 8.16 5.04 1.58
N SER B 106 8.12 6.25 1.02
CA SER B 106 8.17 6.54 -0.39
C SER B 106 6.85 6.20 -1.08
N ASN B 107 5.79 5.91 -0.35
CA ASN B 107 4.53 5.57 -1.02
C ASN B 107 3.85 6.77 -1.65
N LEU B 108 3.51 6.65 -2.92
CA LEU B 108 2.85 7.71 -3.68
C LEU B 108 1.62 7.16 -4.40
N VAL B 109 0.53 7.95 -4.37
CA VAL B 109 -0.67 7.53 -5.12
C VAL B 109 -0.28 7.24 -6.55
N PRO B 110 -0.72 6.15 -7.16
CA PRO B 110 -0.09 5.67 -8.41
C PRO B 110 0.03 6.66 -9.55
N HIS B 111 -0.98 7.48 -9.82
CA HIS B 111 -0.82 8.40 -10.95
C HIS B 111 0.34 9.36 -10.76
N TRP B 112 0.77 9.58 -9.53
CA TRP B 112 1.90 10.46 -9.21
C TRP B 112 3.17 9.71 -8.81
N ALA B 113 3.17 8.39 -9.02
CA ALA B 113 4.27 7.57 -8.56
C ALA B 113 5.38 7.53 -9.59
N ASN B 114 6.19 8.59 -9.59
CA ASN B 114 7.26 8.69 -10.57
C ASN B 114 8.36 9.55 -9.94
N TRP B 115 9.57 9.48 -10.46
CA TRP B 115 10.68 10.22 -9.88
C TRP B 115 10.48 11.73 -9.98
N GLU B 116 9.83 12.21 -11.03
CA GLU B 116 9.66 13.69 -11.14
C GLU B 116 8.87 14.22 -9.97
N HIS B 117 7.76 13.49 -9.63
CA HIS B 117 6.98 13.97 -8.49
C HIS B 117 7.69 13.70 -7.16
N PHE B 118 8.40 12.56 -7.07
CA PHE B 118 9.20 12.34 -5.85
C PHE B 118 10.14 13.53 -5.64
N ASN B 119 10.80 13.92 -6.73
CA ASN B 119 11.85 14.95 -6.56
C ASN B 119 11.21 16.29 -6.22
N GLU B 120 10.01 16.53 -6.74
CA GLU B 120 9.30 17.76 -6.32
C GLU B 120 9.04 17.75 -4.83
N LEU B 121 8.57 16.60 -4.32
CA LEU B 121 8.32 16.49 -2.89
C LEU B 121 9.61 16.56 -2.07
N ASP B 122 10.68 15.95 -2.64
CA ASP B 122 11.95 15.99 -1.92
C ASP B 122 12.43 17.43 -1.73
N ALA B 123 12.33 18.22 -2.79
CA ALA B 123 12.77 19.61 -2.71
C ALA B 123 11.97 20.39 -1.66
N LYS B 124 10.76 19.96 -1.34
CA LYS B 124 9.92 20.58 -0.31
C LYS B 124 10.17 19.96 1.07
N GLY B 125 11.10 19.00 1.24
CA GLY B 125 11.36 18.34 2.49
C GLY B 125 10.32 17.27 2.80
N LEU B 126 9.60 16.75 1.83
CA LEU B 126 8.47 15.86 2.08
C LEU B 126 8.74 14.41 1.67
N ALA B 127 9.97 14.07 1.28
CA ALA B 127 10.21 12.77 0.71
C ALA B 127 11.50 12.12 1.18
N MET B 128 11.50 10.81 1.11
CA MET B 128 12.72 10.01 1.34
C MET B 128 12.53 8.66 0.64
N TYR B 129 13.51 8.24 -0.11
CA TYR B 129 13.46 6.96 -0.80
C TYR B 129 13.96 5.88 0.18
N GLY B 130 13.13 4.89 0.46
CA GLY B 130 13.53 3.89 1.44
C GLY B 130 14.29 2.74 0.85
N GLN B 131 14.44 2.65 -0.48
CA GLN B 131 14.91 1.41 -1.12
C GLN B 131 14.14 0.23 -0.52
N MET B 132 14.83 -0.87 -0.27
CA MET B 132 14.16 -1.95 0.48
C MET B 132 14.57 -1.88 1.95
N THR B 133 15.84 -2.12 2.22
CA THR B 133 16.32 -2.19 3.62
C THR B 133 16.98 -0.94 4.08
N ALA B 134 17.12 0.10 3.26
CA ALA B 134 17.74 1.36 3.70
C ALA B 134 16.86 2.07 4.73
N GLY B 135 15.60 2.28 4.39
CA GLY B 135 14.67 3.01 5.22
C GLY B 135 14.06 2.14 6.31
N SER B 136 14.34 0.82 6.25
CA SER B 136 13.72 -0.09 7.23
C SER B 136 14.78 -0.79 8.08
N TRP B 137 16.01 -0.35 8.03
CA TRP B 137 17.01 -0.58 9.09
C TRP B 137 17.33 -2.07 9.22
N ILE B 138 17.63 -2.72 8.09
CA ILE B 138 18.06 -4.13 8.16
C ILE B 138 19.07 -4.39 7.05
N TYR B 139 19.82 -3.39 6.61
CA TYR B 139 20.89 -3.57 5.64
C TYR B 139 22.14 -4.02 6.37
N ILE B 140 22.81 -5.01 5.78
CA ILE B 140 24.03 -5.58 6.40
C ILE B 140 25.16 -5.56 5.40
N GLY B 141 25.29 -4.47 4.63
CA GLY B 141 26.36 -4.35 3.65
C GLY B 141 26.05 -5.28 2.46
N SER B 142 27.12 -5.61 1.73
CA SER B 142 26.89 -6.39 0.51
C SER B 142 26.46 -7.80 0.84
N GLN B 143 26.63 -8.27 2.07
CA GLN B 143 26.26 -9.64 2.39
C GLN B 143 24.77 -9.84 2.22
N GLY B 144 23.96 -8.83 2.40
CA GLY B 144 22.52 -9.05 2.32
C GLY B 144 22.09 -9.67 1.00
N ILE B 145 22.74 -9.29 -0.10
CA ILE B 145 22.29 -9.79 -1.40
C ILE B 145 23.18 -10.92 -1.94
N VAL B 146 24.35 -11.12 -1.32
CA VAL B 146 25.36 -11.96 -2.01
C VAL B 146 24.86 -13.37 -2.16
N GLN B 147 24.11 -13.92 -1.19
CA GLN B 147 23.68 -15.31 -1.43
C GLN B 147 22.65 -15.36 -2.54
N GLY B 148 21.79 -14.36 -2.66
CA GLY B 148 20.80 -14.44 -3.77
C GLY B 148 21.49 -14.31 -5.12
N THR B 149 22.53 -13.49 -5.21
CA THR B 149 23.24 -13.31 -6.47
C THR B 149 23.95 -14.63 -6.76
N TYR B 150 24.52 -15.25 -5.70
CA TYR B 150 25.17 -16.56 -5.86
C TYR B 150 24.14 -17.58 -6.35
N GLU B 151 22.94 -17.63 -5.73
CA GLU B 151 21.99 -18.65 -6.11
C GLU B 151 21.53 -18.44 -7.56
N THR B 152 21.50 -17.18 -8.00
CA THR B 152 21.13 -16.88 -9.37
C THR B 152 22.22 -17.45 -10.30
N PHE B 153 23.50 -17.16 -10.02
CA PHE B 153 24.57 -17.64 -10.91
C PHE B 153 24.63 -19.16 -10.87
N VAL B 154 24.44 -19.75 -9.68
CA VAL B 154 24.46 -21.22 -9.59
C VAL B 154 23.36 -21.79 -10.44
N GLU B 155 22.13 -21.27 -10.35
CA GLU B 155 21.03 -21.85 -11.13
C GLU B 155 21.24 -21.58 -12.61
N ALA B 156 21.73 -20.41 -12.99
CA ALA B 156 22.05 -20.19 -14.42
C ALA B 156 23.09 -21.22 -14.86
N GLY B 157 24.07 -21.51 -14.03
CA GLY B 157 25.08 -22.52 -14.35
C GLY B 157 24.42 -23.88 -14.51
N ARG B 158 23.49 -24.26 -13.67
CA ARG B 158 22.81 -25.54 -13.73
C ARG B 158 22.01 -25.62 -15.00
N GLN B 159 21.38 -24.53 -15.42
CA GLN B 159 20.55 -24.59 -16.59
C GLN B 159 21.39 -24.62 -17.88
N HIS B 160 22.51 -23.92 -17.87
CA HIS B 160 23.21 -23.67 -19.13
C HIS B 160 24.52 -24.42 -19.21
N TYR B 161 25.19 -24.71 -18.09
CA TYR B 161 26.57 -25.18 -18.18
C TYR B 161 26.85 -26.42 -17.36
N GLY B 162 25.90 -27.15 -16.81
CA GLY B 162 26.18 -28.36 -15.97
C GLY B 162 26.48 -28.08 -14.51
N GLY B 163 26.20 -26.90 -13.98
CA GLY B 163 26.35 -26.51 -12.60
C GLY B 163 27.48 -25.57 -12.28
N SER B 164 28.59 -26.15 -11.85
CA SER B 164 29.75 -25.41 -11.39
C SER B 164 30.24 -24.20 -12.13
N LEU B 165 30.32 -23.73 -13.31
CA LEU B 165 30.89 -22.47 -13.87
C LEU B 165 32.42 -22.29 -13.88
N LYS B 166 33.17 -23.23 -13.33
CA LYS B 166 34.61 -23.28 -13.54
C LYS B 166 34.92 -23.15 -15.03
N GLY B 167 35.82 -22.22 -15.43
CA GLY B 167 36.15 -21.97 -16.81
C GLY B 167 35.24 -20.97 -17.51
N LYS B 168 34.23 -20.44 -16.81
CA LYS B 168 33.25 -19.55 -17.41
C LYS B 168 33.43 -18.14 -16.82
N TRP B 169 32.89 -17.13 -17.52
CA TRP B 169 32.95 -15.80 -16.87
C TRP B 169 31.65 -15.05 -17.10
N VAL B 170 31.34 -14.20 -16.12
CA VAL B 170 30.18 -13.30 -16.10
C VAL B 170 30.66 -11.89 -16.44
N LEU B 171 29.93 -11.16 -17.25
CA LEU B 171 30.10 -9.76 -17.56
C LEU B 171 28.94 -8.97 -16.93
N THR B 172 29.28 -7.99 -16.14
CA THR B 172 28.23 -7.16 -15.54
C THR B 172 28.84 -5.82 -15.19
N ALA B 173 28.02 -5.00 -14.55
CA ALA B 173 28.46 -3.65 -14.17
C ALA B 173 27.76 -3.25 -12.89
N GLY B 174 28.33 -2.25 -12.25
CA GLY B 174 27.77 -1.76 -10.98
C GLY B 174 28.49 -2.42 -9.80
N LEU B 175 29.37 -1.67 -9.14
CA LEU B 175 29.99 -2.12 -7.88
C LEU B 175 29.64 -1.16 -6.73
N GLY B 176 28.31 -0.91 -6.60
CA GLY B 176 27.74 -0.20 -5.48
C GLY B 176 27.55 -1.16 -4.33
N GLY B 177 26.67 -0.78 -3.42
CA GLY B 177 26.44 -1.61 -2.24
C GLY B 177 25.97 -3.02 -2.56
N MET B 178 24.88 -3.08 -3.35
CA MET B 178 24.38 -4.41 -3.72
C MET B 178 25.10 -4.93 -4.95
N GLY B 179 25.47 -4.10 -5.93
CA GLY B 179 26.17 -4.61 -7.11
C GLY B 179 27.55 -5.15 -6.73
N GLY B 180 28.13 -4.63 -5.65
CA GLY B 180 29.43 -5.09 -5.16
C GLY B 180 29.42 -6.57 -4.80
N ALA B 181 28.23 -7.14 -4.53
CA ALA B 181 28.12 -8.58 -4.26
C ALA B 181 28.31 -9.45 -5.51
N GLN B 182 28.15 -8.87 -6.69
CA GLN B 182 28.22 -9.66 -7.92
C GLN B 182 29.58 -10.33 -8.09
N PRO B 183 30.71 -9.65 -7.98
CA PRO B 183 32.01 -10.35 -8.18
C PRO B 183 32.17 -11.53 -7.24
N LEU B 184 31.86 -11.36 -5.94
CA LEU B 184 32.14 -12.46 -5.02
C LEU B 184 31.13 -13.59 -5.29
N ALA B 185 29.86 -13.25 -5.57
CA ALA B 185 28.90 -14.29 -5.87
C ALA B 185 29.36 -15.11 -7.08
N ALA B 186 29.87 -14.45 -8.12
CA ALA B 186 30.33 -15.18 -9.28
C ALA B 186 31.49 -16.11 -8.90
N THR B 187 32.43 -15.56 -8.14
CA THR B 187 33.56 -16.36 -7.67
C THR B 187 33.07 -17.57 -6.89
N LEU B 188 32.14 -17.41 -5.96
CA LEU B 188 31.71 -18.55 -5.14
C LEU B 188 30.99 -19.57 -5.98
N ALA B 189 30.35 -19.15 -7.06
CA ALA B 189 29.71 -20.07 -8.02
C ALA B 189 30.71 -20.71 -8.97
N GLY B 190 31.99 -20.32 -8.90
CA GLY B 190 33.04 -20.93 -9.72
C GLY B 190 33.50 -20.11 -10.91
N ALA B 191 32.87 -18.96 -11.17
CA ALA B 191 33.12 -18.19 -12.39
C ALA B 191 34.15 -17.07 -12.17
N CYS B 192 34.88 -16.72 -13.22
CA CYS B 192 35.54 -15.43 -13.26
C CYS B 192 34.50 -14.35 -13.59
N SER B 193 34.85 -13.09 -13.40
CA SER B 193 33.87 -12.06 -13.73
C SER B 193 34.62 -10.77 -14.10
N LEU B 194 33.98 -10.03 -14.97
CA LEU B 194 34.42 -8.69 -15.37
C LEU B 194 33.31 -7.72 -14.95
N ASN B 195 33.67 -6.78 -14.10
CA ASN B 195 32.71 -5.93 -13.39
C ASN B 195 33.05 -4.48 -13.68
N ILE B 196 32.22 -3.85 -14.50
CA ILE B 196 32.47 -2.47 -14.92
C ILE B 196 31.91 -1.50 -13.88
N GLU B 197 32.71 -0.51 -13.46
CA GLU B 197 32.25 0.45 -12.46
C GLU B 197 32.84 1.85 -12.73
N SER B 198 31.99 2.85 -12.69
CA SER B 198 32.40 4.21 -13.06
C SER B 198 33.14 4.95 -11.97
N GLN B 199 33.03 4.57 -10.73
CA GLN B 199 33.66 5.38 -9.66
C GLN B 199 34.80 4.61 -9.00
N GLN B 200 36.01 5.15 -9.06
CA GLN B 200 37.12 4.44 -8.39
C GLN B 200 36.85 4.22 -6.91
N SER B 201 36.18 5.17 -6.22
CA SER B 201 35.94 4.95 -4.80
C SER B 201 35.09 3.71 -4.51
N ARG B 202 34.22 3.34 -5.45
CA ARG B 202 33.34 2.16 -5.27
C ARG B 202 34.15 0.89 -5.49
N ILE B 203 35.04 0.93 -6.51
CA ILE B 203 35.96 -0.20 -6.72
C ILE B 203 36.78 -0.40 -5.45
N ASP B 204 37.32 0.71 -4.93
CA ASP B 204 38.15 0.61 -3.73
C ASP B 204 37.36 -0.01 -2.56
N PHE B 205 36.08 0.38 -2.42
CA PHE B 205 35.27 -0.16 -1.32
C PHE B 205 35.12 -1.67 -1.43
N ARG B 206 34.88 -2.15 -2.65
CA ARG B 206 34.77 -3.59 -2.89
C ARG B 206 36.12 -4.28 -2.70
N LEU B 207 37.22 -3.63 -3.06
CA LEU B 207 38.51 -4.27 -2.84
C LEU B 207 38.78 -4.40 -1.35
N GLU B 208 38.44 -3.35 -0.58
CA GLU B 208 38.80 -3.35 0.83
C GLU B 208 37.96 -4.34 1.63
N THR B 209 36.75 -4.61 1.13
CA THR B 209 35.82 -5.51 1.82
C THR B 209 35.91 -6.93 1.24
N ARG B 210 36.87 -7.15 0.35
CA ARG B 210 37.18 -8.48 -0.23
C ARG B 210 36.12 -9.01 -1.16
N TYR B 211 35.24 -8.15 -1.68
CA TYR B 211 34.19 -8.58 -2.60
C TYR B 211 34.67 -8.65 -4.04
N VAL B 212 35.72 -7.91 -4.43
CA VAL B 212 36.32 -8.04 -5.77
C VAL B 212 37.81 -8.27 -5.56
N ASP B 213 38.40 -9.05 -6.47
CA ASP B 213 39.79 -9.45 -6.27
C ASP B 213 40.83 -8.53 -6.85
N GLU B 214 40.66 -8.06 -8.07
CA GLU B 214 41.73 -7.32 -8.74
C GLU B 214 41.08 -6.24 -9.61
N GLN B 215 41.85 -5.25 -9.95
CA GLN B 215 41.41 -4.22 -10.89
C GLN B 215 42.27 -4.24 -12.15
N ALA B 216 41.67 -4.41 -13.33
CA ALA B 216 42.42 -4.36 -14.58
C ALA B 216 42.75 -2.91 -14.92
N THR B 217 43.80 -2.71 -15.75
CA THR B 217 44.20 -1.36 -16.06
C THR B 217 43.42 -0.71 -17.20
N ASP B 218 42.86 -1.51 -18.06
CA ASP B 218 42.05 -1.11 -19.20
C ASP B 218 41.36 -2.35 -19.76
N LEU B 219 40.53 -2.15 -20.77
CA LEU B 219 39.73 -3.25 -21.29
C LEU B 219 40.60 -4.36 -21.87
N ASP B 220 41.65 -3.97 -22.63
CA ASP B 220 42.47 -5.04 -23.15
C ASP B 220 43.10 -5.88 -22.04
N ASP B 221 43.56 -5.20 -20.98
CA ASP B 221 44.15 -5.93 -19.85
C ASP B 221 43.11 -6.83 -19.20
N ALA B 222 41.90 -6.27 -19.03
CA ALA B 222 40.81 -7.08 -18.47
C ALA B 222 40.61 -8.35 -19.28
N LEU B 223 40.56 -8.23 -20.60
CA LEU B 223 40.29 -9.42 -21.39
C LEU B 223 41.45 -10.42 -21.38
N VAL B 224 42.69 -9.95 -21.28
CA VAL B 224 43.83 -10.86 -21.17
C VAL B 224 43.68 -11.65 -19.86
N ARG B 225 43.30 -10.95 -18.76
CA ARG B 225 43.15 -11.66 -17.48
C ARG B 225 42.01 -12.67 -17.54
N ILE B 226 40.86 -12.26 -18.11
CA ILE B 226 39.75 -13.23 -18.22
C ILE B 226 40.15 -14.44 -19.03
N ALA B 227 40.85 -14.21 -20.15
CA ALA B 227 41.20 -15.37 -20.95
C ALA B 227 42.12 -16.30 -20.17
N LYS B 228 43.08 -15.76 -19.45
CA LYS B 228 44.04 -16.58 -18.70
C LYS B 228 43.38 -17.34 -17.54
N TYR B 229 42.59 -16.58 -16.78
CA TYR B 229 42.00 -17.21 -15.60
C TYR B 229 40.97 -18.27 -15.95
N THR B 230 40.17 -17.98 -16.97
CA THR B 230 39.15 -18.97 -17.33
C THR B 230 39.87 -20.21 -17.90
N ALA B 231 40.90 -20.01 -18.70
CA ALA B 231 41.64 -21.18 -19.25
C ALA B 231 42.18 -22.08 -18.14
N GLU B 232 42.56 -21.48 -17.02
CA GLU B 232 43.07 -22.17 -15.87
C GLU B 232 42.05 -22.62 -14.86
N GLY B 233 40.79 -22.31 -15.11
CA GLY B 233 39.75 -22.75 -14.20
C GLY B 233 39.76 -22.02 -12.88
N LYS B 234 40.39 -20.86 -12.78
CA LYS B 234 40.38 -20.04 -11.59
C LYS B 234 39.08 -19.25 -11.53
N ALA B 235 38.68 -18.82 -10.36
CA ALA B 235 37.43 -18.06 -10.19
C ALA B 235 37.84 -16.74 -9.58
N ILE B 236 38.19 -15.79 -10.44
CA ILE B 236 38.73 -14.50 -9.98
C ILE B 236 37.86 -13.37 -10.52
N SER B 237 37.59 -12.38 -9.68
CA SER B 237 36.78 -11.25 -10.10
C SER B 237 37.69 -10.05 -10.41
N ILE B 238 37.35 -9.41 -11.54
CA ILE B 238 38.10 -8.27 -12.09
C ILE B 238 37.21 -7.06 -12.17
N ALA B 239 37.67 -5.98 -11.57
CA ALA B 239 36.99 -4.71 -11.74
C ALA B 239 37.63 -3.91 -12.86
N LEU B 240 36.81 -3.18 -13.61
CA LEU B 240 37.32 -2.27 -14.64
C LEU B 240 36.62 -0.92 -14.46
N HIS B 241 37.43 0.12 -14.26
CA HIS B 241 36.91 1.48 -14.22
C HIS B 241 36.49 1.93 -15.61
N GLY B 242 35.19 2.25 -15.71
CA GLY B 242 34.67 2.67 -16.99
C GLY B 242 33.17 2.80 -16.98
N ASN B 243 32.60 3.00 -18.13
CA ASN B 243 31.17 3.21 -18.32
C ASN B 243 30.61 2.01 -19.07
N ALA B 244 29.65 1.31 -18.48
CA ALA B 244 29.13 0.12 -19.14
C ALA B 244 28.47 0.40 -20.48
N ALA B 245 27.90 1.61 -20.61
CA ALA B 245 27.24 1.97 -21.86
C ALA B 245 28.22 2.20 -23.00
N GLU B 246 29.49 2.34 -22.65
CA GLU B 246 30.55 2.39 -23.66
C GLU B 246 31.21 1.01 -23.79
N ILE B 247 31.52 0.35 -22.69
CA ILE B 247 32.28 -0.90 -22.77
C ILE B 247 31.48 -2.07 -23.27
N LEU B 248 30.21 -2.22 -22.89
CA LEU B 248 29.45 -3.36 -23.42
C LEU B 248 29.29 -3.27 -24.95
N PRO B 249 28.89 -2.16 -25.54
CA PRO B 249 28.88 -2.08 -27.01
C PRO B 249 30.25 -2.34 -27.61
N GLU B 250 31.34 -1.93 -26.96
CA GLU B 250 32.66 -2.20 -27.50
C GLU B 250 32.94 -3.69 -27.47
N LEU B 251 32.53 -4.39 -26.43
CA LEU B 251 32.80 -5.82 -26.40
C LEU B 251 31.96 -6.53 -27.46
N VAL B 252 30.73 -6.10 -27.70
CA VAL B 252 29.93 -6.69 -28.78
C VAL B 252 30.66 -6.50 -30.09
N LYS B 253 31.14 -5.30 -30.36
CA LYS B 253 31.87 -5.00 -31.58
C LYS B 253 33.13 -5.85 -31.75
N ARG B 254 33.79 -6.10 -30.64
CA ARG B 254 35.01 -6.92 -30.70
C ARG B 254 34.72 -8.41 -30.83
N GLY B 255 33.43 -8.80 -30.81
CA GLY B 255 33.10 -10.20 -30.87
C GLY B 255 33.43 -10.97 -29.61
N VAL B 256 33.56 -10.27 -28.48
CA VAL B 256 33.80 -11.00 -27.23
C VAL B 256 32.52 -11.68 -26.79
N ARG B 257 32.63 -12.92 -26.33
CA ARG B 257 31.46 -13.67 -25.87
C ARG B 257 31.60 -14.12 -24.41
N PRO B 258 31.01 -13.38 -23.49
CA PRO B 258 30.99 -13.82 -22.09
C PRO B 258 30.08 -15.05 -21.97
N ASP B 259 30.09 -15.72 -20.82
CA ASP B 259 29.22 -16.86 -20.63
C ASP B 259 27.90 -16.48 -19.98
N MET B 260 27.82 -15.34 -19.34
CA MET B 260 26.61 -14.75 -18.81
C MET B 260 26.75 -13.22 -18.87
N VAL B 261 25.65 -12.54 -19.10
CA VAL B 261 25.64 -11.08 -19.06
C VAL B 261 24.48 -10.60 -18.20
N THR B 262 24.80 -9.66 -17.31
CA THR B 262 23.70 -8.98 -16.59
C THR B 262 24.17 -7.56 -16.30
N ASP B 263 23.45 -6.89 -15.40
CA ASP B 263 23.78 -5.51 -15.04
C ASP B 263 23.20 -5.16 -13.68
N GLN B 264 23.95 -4.36 -12.92
CA GLN B 264 23.41 -3.89 -11.67
C GLN B 264 23.86 -2.47 -11.36
N THR B 265 23.94 -1.63 -12.42
CA THR B 265 24.04 -0.19 -12.21
C THR B 265 22.73 0.30 -11.58
N SER B 266 22.70 1.53 -11.06
CA SER B 266 21.44 2.06 -10.48
C SER B 266 20.55 2.71 -11.54
N ALA B 267 20.21 1.91 -12.56
CA ALA B 267 19.38 2.34 -13.67
C ALA B 267 17.96 2.68 -13.20
N HIS B 268 17.60 2.24 -12.00
CA HIS B 268 16.26 2.50 -11.52
C HIS B 268 16.01 3.98 -11.28
N ASP B 269 17.06 4.77 -11.20
CA ASP B 269 16.94 6.18 -10.89
C ASP B 269 17.84 6.93 -11.85
N PRO B 270 17.36 7.25 -13.03
CA PRO B 270 18.22 7.94 -14.05
C PRO B 270 18.87 9.24 -13.57
N LEU B 271 18.24 10.02 -12.69
CA LEU B 271 18.84 11.25 -12.27
C LEU B 271 20.05 11.06 -11.36
N ASN B 272 20.05 10.02 -10.54
CA ASN B 272 21.11 9.82 -9.55
C ASN B 272 21.95 8.57 -9.74
N GLY B 273 21.55 7.53 -10.42
CA GLY B 273 22.24 6.24 -10.32
C GLY B 273 22.86 5.74 -11.57
N TYR B 274 22.89 6.49 -12.67
CA TYR B 274 23.34 5.93 -13.92
C TYR B 274 24.10 7.02 -14.72
N LEU B 275 25.39 6.78 -14.90
CA LEU B 275 26.24 7.76 -15.56
C LEU B 275 26.10 7.75 -17.08
N PRO B 276 25.69 8.86 -17.71
CA PRO B 276 25.62 8.85 -19.18
C PRO B 276 27.00 8.65 -19.78
N ALA B 277 26.99 8.01 -20.93
CA ALA B 277 28.21 7.76 -21.70
C ALA B 277 28.96 9.07 -21.92
N GLY B 278 30.26 9.09 -21.64
CA GLY B 278 31.04 10.28 -21.92
C GLY B 278 31.11 11.30 -20.81
N TRP B 279 30.30 11.16 -19.76
CA TRP B 279 30.33 12.09 -18.64
C TRP B 279 31.23 11.63 -17.52
N THR B 280 31.77 12.55 -16.74
CA THR B 280 32.39 12.21 -15.46
C THR B 280 31.33 12.20 -14.34
N TRP B 281 31.63 11.45 -13.30
CA TRP B 281 30.70 11.39 -12.16
C TRP B 281 30.49 12.81 -11.67
N GLU B 282 31.53 13.65 -11.55
CA GLU B 282 31.33 15.03 -11.10
C GLU B 282 30.39 15.85 -11.96
N GLN B 283 30.54 15.72 -13.26
CA GLN B 283 29.67 16.35 -14.23
C GLN B 283 28.22 15.90 -14.10
N TYR B 284 28.03 14.61 -13.93
CA TYR B 284 26.69 14.07 -13.69
C TYR B 284 26.05 14.66 -12.45
N ARG B 285 26.76 14.70 -11.32
CA ARG B 285 26.15 15.17 -10.07
C ARG B 285 25.93 16.68 -10.12
N ASP B 286 26.86 17.38 -10.81
CA ASP B 286 26.67 18.82 -10.93
C ASP B 286 25.41 19.12 -11.76
N ARG B 287 25.30 18.50 -12.94
CA ARG B 287 24.20 18.74 -13.86
C ARG B 287 22.86 18.27 -13.30
N ALA B 288 22.88 17.22 -12.47
CA ALA B 288 21.66 16.72 -11.85
C ALA B 288 20.97 17.86 -11.10
N GLN B 289 21.81 18.75 -10.54
CA GLN B 289 21.16 19.82 -9.75
C GLN B 289 20.73 20.94 -10.69
N THR B 290 21.46 21.20 -11.75
CA THR B 290 21.28 22.31 -12.67
C THR B 290 20.21 22.09 -13.74
N GLU B 291 20.15 20.86 -14.27
CA GLU B 291 19.28 20.54 -15.39
C GLU B 291 18.81 19.10 -15.27
N PRO B 292 18.04 18.77 -14.22
CA PRO B 292 17.69 17.37 -13.98
C PRO B 292 17.01 16.72 -15.17
N ALA B 293 16.12 17.36 -15.91
CA ALA B 293 15.38 16.65 -16.97
C ALA B 293 16.32 16.24 -18.10
N ALA B 294 17.29 17.11 -18.37
CA ALA B 294 18.24 16.76 -19.41
C ALA B 294 19.16 15.64 -18.96
N VAL B 295 19.52 15.59 -17.68
CA VAL B 295 20.31 14.48 -17.15
C VAL B 295 19.54 13.16 -17.24
N VAL B 296 18.29 13.15 -16.83
CA VAL B 296 17.47 11.93 -16.95
C VAL B 296 17.49 11.42 -18.37
N LYS B 297 17.26 12.36 -19.31
CA LYS B 297 17.20 11.97 -20.71
C LYS B 297 18.51 11.36 -21.18
N ALA B 298 19.63 12.00 -20.87
CA ALA B 298 20.93 11.46 -21.30
C ALA B 298 21.23 10.12 -20.65
N ALA B 299 20.82 9.98 -19.38
CA ALA B 299 21.07 8.68 -18.75
C ALA B 299 20.27 7.61 -19.44
N LYS B 300 19.00 7.88 -19.69
CA LYS B 300 18.15 6.88 -20.34
C LYS B 300 18.60 6.56 -21.77
N GLN B 301 19.13 7.53 -22.48
CA GLN B 301 19.63 7.25 -23.83
C GLN B 301 20.82 6.32 -23.79
N SER B 302 21.69 6.49 -22.76
CA SER B 302 22.79 5.56 -22.58
C SER B 302 22.27 4.21 -22.12
N MET B 303 21.23 4.16 -21.29
CA MET B 303 20.71 2.83 -20.91
C MET B 303 20.23 2.10 -22.14
N ALA B 304 19.65 2.83 -23.11
CA ALA B 304 19.18 2.18 -24.33
C ALA B 304 20.34 1.55 -25.10
N VAL B 305 21.49 2.21 -25.14
CA VAL B 305 22.62 1.66 -25.89
C VAL B 305 23.13 0.42 -25.14
N HIS B 306 23.15 0.53 -23.82
CA HIS B 306 23.62 -0.54 -22.94
C HIS B 306 22.75 -1.76 -23.14
N VAL B 307 21.42 -1.57 -23.05
CA VAL B 307 20.53 -2.71 -23.23
C VAL B 307 20.61 -3.30 -24.63
N GLN B 308 20.78 -2.45 -25.67
CA GLN B 308 20.95 -3.05 -26.99
C GLN B 308 22.20 -3.93 -27.02
N ALA B 309 23.27 -3.57 -26.32
CA ALA B 309 24.40 -4.51 -26.27
C ALA B 309 24.03 -5.81 -25.58
N MET B 310 23.27 -5.74 -24.52
CA MET B 310 22.82 -6.98 -23.84
C MET B 310 22.02 -7.85 -24.78
N LEU B 311 21.14 -7.18 -25.56
CA LEU B 311 20.33 -7.91 -26.54
C LEU B 311 21.23 -8.56 -27.62
N ASP B 312 22.27 -7.82 -27.98
CA ASP B 312 23.21 -8.33 -28.97
C ASP B 312 24.01 -9.53 -28.48
N PHE B 313 24.43 -9.54 -27.22
CA PHE B 313 25.00 -10.76 -26.64
C PHE B 313 23.99 -11.88 -26.67
N GLN B 314 22.75 -11.63 -26.27
CA GLN B 314 21.77 -12.72 -26.26
C GLN B 314 21.58 -13.28 -27.65
N LYS B 315 21.65 -12.43 -28.69
CA LYS B 315 21.49 -12.93 -30.06
C LYS B 315 22.61 -13.91 -30.43
N GLN B 316 23.75 -13.73 -29.79
CA GLN B 316 24.88 -14.66 -29.98
C GLN B 316 24.72 -15.89 -29.09
N GLY B 317 23.60 -16.07 -28.41
CA GLY B 317 23.46 -17.29 -27.60
C GLY B 317 23.95 -17.12 -26.17
N VAL B 318 24.33 -15.94 -25.73
CA VAL B 318 24.80 -15.73 -24.37
C VAL B 318 23.61 -15.63 -23.39
N PRO B 319 23.55 -16.44 -22.33
CA PRO B 319 22.51 -16.25 -21.29
C PRO B 319 22.63 -14.82 -20.75
N THR B 320 21.57 -14.06 -20.84
CA THR B 320 21.49 -12.65 -20.54
C THR B 320 20.26 -12.43 -19.65
N PHE B 321 20.37 -11.68 -18.55
CA PHE B 321 19.19 -11.50 -17.70
C PHE B 321 19.31 -10.14 -17.01
N ASP B 322 18.15 -9.64 -16.60
CA ASP B 322 17.97 -8.37 -15.88
C ASP B 322 17.96 -8.71 -14.39
N TYR B 323 18.79 -7.99 -13.64
CA TYR B 323 18.98 -8.26 -12.23
C TYR B 323 18.28 -7.20 -11.39
N GLY B 324 17.10 -6.74 -11.79
CA GLY B 324 16.17 -6.00 -10.94
C GLY B 324 16.45 -4.55 -10.75
N ASN B 325 17.12 -3.92 -11.72
CA ASN B 325 17.42 -2.49 -11.64
C ASN B 325 16.58 -1.69 -12.65
N ASN B 326 15.60 -2.30 -13.27
CA ASN B 326 14.66 -1.72 -14.20
C ASN B 326 15.31 -1.23 -15.50
N ILE B 327 16.49 -1.75 -15.85
CA ILE B 327 17.12 -1.15 -17.03
C ILE B 327 16.36 -1.45 -18.30
N ARG B 328 15.68 -2.62 -18.38
CA ARG B 328 14.95 -2.89 -19.62
C ARG B 328 13.82 -1.89 -19.85
N GLN B 329 13.13 -1.54 -18.75
CA GLN B 329 12.03 -0.58 -18.84
C GLN B 329 12.53 0.79 -19.31
N MET B 330 13.68 1.21 -18.76
CA MET B 330 14.21 2.51 -19.18
C MET B 330 14.56 2.48 -20.66
N ALA B 331 15.18 1.39 -21.12
CA ALA B 331 15.57 1.31 -22.52
C ALA B 331 14.31 1.27 -23.41
N LYS B 332 13.29 0.53 -22.97
CA LYS B 332 12.07 0.51 -23.80
C LYS B 332 11.47 1.90 -23.95
N GLU B 333 11.56 2.67 -22.87
CA GLU B 333 10.96 4.02 -22.92
C GLU B 333 11.74 4.91 -23.87
N GLU B 334 13.01 4.57 -24.09
CA GLU B 334 13.84 5.29 -25.05
C GLU B 334 13.82 4.62 -26.43
N GLY B 335 12.91 3.70 -26.74
CA GLY B 335 12.82 3.25 -28.10
C GLY B 335 13.33 1.85 -28.34
N VAL B 336 13.90 1.19 -27.33
CA VAL B 336 14.31 -0.21 -27.55
C VAL B 336 13.11 -1.11 -27.34
N ALA B 337 12.39 -1.30 -28.47
CA ALA B 337 11.10 -1.98 -28.34
C ALA B 337 11.19 -3.42 -27.84
N ASP B 338 12.29 -4.10 -28.13
CA ASP B 338 12.42 -5.50 -27.71
C ASP B 338 13.28 -5.65 -26.47
N ALA B 339 13.33 -4.59 -25.62
CA ALA B 339 14.16 -4.64 -24.42
C ALA B 339 13.81 -5.82 -23.52
N PHE B 340 12.55 -6.26 -23.52
CA PHE B 340 12.15 -7.39 -22.65
C PHE B 340 12.37 -8.74 -23.32
N ASP B 341 13.17 -8.78 -24.38
CA ASP B 341 13.50 -10.06 -25.00
C ASP B 341 14.42 -10.91 -24.15
N PHE B 342 15.02 -10.34 -23.12
CA PHE B 342 15.76 -11.17 -22.18
C PHE B 342 15.04 -11.07 -20.83
N PRO B 343 15.02 -12.12 -20.02
CA PRO B 343 14.16 -12.18 -18.84
C PRO B 343 14.84 -11.65 -17.60
N GLY B 344 13.95 -11.51 -16.60
CA GLY B 344 14.45 -11.14 -15.28
C GLY B 344 14.96 -12.38 -14.57
N PHE B 345 15.84 -12.14 -13.58
CA PHE B 345 16.44 -13.27 -12.89
C PHE B 345 15.44 -14.11 -12.10
N VAL B 346 14.33 -13.57 -11.64
CA VAL B 346 13.43 -14.42 -10.82
C VAL B 346 12.65 -15.39 -11.68
N PRO B 347 11.92 -15.04 -12.73
CA PRO B 347 11.26 -16.08 -13.51
C PRO B 347 12.30 -16.99 -14.16
N ALA B 348 13.48 -16.50 -14.50
CA ALA B 348 14.44 -17.37 -15.20
C ALA B 348 15.03 -18.38 -14.24
N TYR B 349 15.37 -17.95 -13.01
CA TYR B 349 16.24 -18.76 -12.14
C TYR B 349 15.70 -18.97 -10.73
N ILE B 350 15.17 -17.96 -10.05
CA ILE B 350 15.00 -18.01 -8.58
C ILE B 350 13.59 -18.38 -8.15
N ARG B 351 12.60 -18.18 -9.01
CA ARG B 351 11.21 -18.36 -8.53
C ARG B 351 10.98 -19.72 -7.85
N PRO B 352 11.55 -20.85 -8.27
CA PRO B 352 11.26 -22.11 -7.54
C PRO B 352 11.68 -22.08 -6.07
N LEU B 353 12.71 -21.29 -5.72
CA LEU B 353 13.05 -21.10 -4.31
C LEU B 353 11.96 -20.34 -3.56
N PHE B 354 11.44 -19.27 -4.18
CA PHE B 354 10.37 -18.52 -3.56
C PHE B 354 9.13 -19.37 -3.38
N CYS B 355 8.92 -20.36 -4.29
CA CYS B 355 7.75 -21.21 -4.11
C CYS B 355 7.80 -22.05 -2.83
N ARG B 356 8.96 -22.22 -2.20
CA ARG B 356 9.08 -22.89 -0.91
C ARG B 356 9.37 -21.93 0.22
N GLY B 357 9.17 -20.64 -0.05
CA GLY B 357 9.37 -19.60 0.94
C GLY B 357 10.84 -19.32 1.21
N VAL B 358 11.77 -19.84 0.41
CA VAL B 358 13.20 -19.62 0.58
C VAL B 358 13.53 -18.21 0.07
N GLY B 359 14.36 -17.49 0.83
CA GLY B 359 14.69 -16.13 0.45
C GLY B 359 15.74 -15.60 1.42
N PRO B 360 16.03 -14.30 1.30
CA PRO B 360 17.20 -13.67 1.95
C PRO B 360 17.01 -13.37 3.44
N PHE B 361 16.67 -14.49 4.14
CA PHE B 361 16.66 -14.58 5.60
C PHE B 361 18.02 -14.27 6.18
N ARG B 362 18.03 -13.48 7.26
CA ARG B 362 19.31 -12.99 7.76
C ARG B 362 19.17 -12.66 9.23
N TRP B 363 20.34 -12.53 9.89
CA TRP B 363 20.26 -12.08 11.28
C TRP B 363 21.56 -11.34 11.62
N ALA B 364 21.49 -10.56 12.69
CA ALA B 364 22.62 -9.76 13.13
C ALA B 364 22.77 -9.87 14.67
N ALA B 365 24.03 -9.87 15.03
CA ALA B 365 24.42 -9.92 16.44
C ALA B 365 24.54 -8.51 17.02
N LEU B 366 23.55 -8.12 17.83
CA LEU B 366 23.58 -6.79 18.45
C LEU B 366 24.75 -6.62 19.39
N SER B 367 25.34 -7.69 19.89
CA SER B 367 26.54 -7.56 20.72
C SER B 367 27.70 -6.93 19.99
N GLY B 368 27.82 -7.12 18.68
CA GLY B 368 28.98 -6.74 17.90
C GLY B 368 30.04 -7.84 17.82
N GLU B 369 29.72 -8.98 18.44
CA GLU B 369 30.77 -9.99 18.53
C GLU B 369 30.69 -10.99 17.38
N ALA B 370 31.77 -11.09 16.65
CA ALA B 370 31.82 -12.05 15.56
C ALA B 370 31.49 -13.46 16.08
N GLU B 371 31.97 -13.83 17.28
CA GLU B 371 31.76 -15.20 17.73
C GLU B 371 30.29 -15.49 17.88
N ASP B 372 29.45 -14.49 18.17
CA ASP B 372 28.00 -14.77 18.21
C ASP B 372 27.52 -15.27 16.85
N ILE B 373 28.01 -14.68 15.74
CA ILE B 373 27.58 -15.24 14.44
C ILE B 373 28.17 -16.63 14.23
N TYR B 374 29.40 -16.88 14.63
CA TYR B 374 29.98 -18.20 14.42
C TYR B 374 29.19 -19.24 15.20
N LYS B 375 28.70 -18.90 16.40
CA LYS B 375 27.84 -19.81 17.15
C LYS B 375 26.53 -20.05 16.43
N THR B 376 25.91 -19.01 15.85
CA THR B 376 24.69 -19.26 15.10
C THR B 376 25.02 -20.11 13.87
N ASP B 377 26.16 -19.93 13.21
CA ASP B 377 26.46 -20.77 12.00
C ASP B 377 26.49 -22.24 12.38
N ALA B 378 27.16 -22.48 13.53
CA ALA B 378 27.25 -23.86 14.03
C ALA B 378 25.90 -24.42 14.38
N LYS B 379 25.03 -23.56 14.96
CA LYS B 379 23.69 -24.04 15.32
C LYS B 379 22.88 -24.34 14.06
N VAL B 380 23.02 -23.51 13.02
CA VAL B 380 22.28 -23.84 11.80
C VAL B 380 22.71 -25.19 11.23
N LYS B 381 24.03 -25.44 11.19
CA LYS B 381 24.47 -26.76 10.72
C LYS B 381 23.86 -27.90 11.54
N GLU B 382 23.73 -27.71 12.86
CA GLU B 382 23.17 -28.78 13.71
C GLU B 382 21.69 -28.91 13.41
N LEU B 383 21.02 -27.77 13.16
CA LEU B 383 19.57 -27.91 12.96
C LEU B 383 19.17 -28.38 11.58
N ILE B 384 20.13 -28.21 10.66
CA ILE B 384 19.89 -28.56 9.27
C ILE B 384 21.03 -29.46 8.86
N PRO B 385 21.09 -30.66 9.46
CA PRO B 385 22.30 -31.46 9.27
C PRO B 385 22.41 -32.09 7.89
N ASP B 386 21.33 -32.15 7.09
CA ASP B 386 21.48 -32.90 5.83
C ASP B 386 21.40 -32.03 4.57
N ASP B 387 21.76 -30.75 4.69
CA ASP B 387 21.77 -29.87 3.51
C ASP B 387 23.20 -29.42 3.28
N ALA B 388 23.95 -30.18 2.44
CA ALA B 388 25.33 -29.85 2.20
C ALA B 388 25.53 -28.59 1.38
N HIS B 389 24.61 -28.22 0.50
CA HIS B 389 24.69 -26.90 -0.17
C HIS B 389 24.68 -25.76 0.86
N LEU B 390 23.80 -25.87 1.85
CA LEU B 390 23.73 -24.84 2.92
C LEU B 390 25.00 -24.89 3.76
N HIS B 391 25.47 -26.11 4.11
CA HIS B 391 26.70 -26.12 4.91
C HIS B 391 27.85 -25.49 4.16
N ARG B 392 27.95 -25.77 2.84
CA ARG B 392 29.02 -25.18 2.04
C ARG B 392 28.83 -23.66 2.01
N TRP B 393 27.57 -23.20 1.92
CA TRP B 393 27.33 -21.74 1.94
C TRP B 393 27.95 -21.15 3.19
N LEU B 394 27.65 -21.71 4.33
CA LEU B 394 28.14 -21.13 5.58
C LEU B 394 29.65 -21.24 5.68
N ASP B 395 30.25 -22.30 5.10
CA ASP B 395 31.70 -22.39 5.10
C ASP B 395 32.32 -21.32 4.21
N MET B 396 31.74 -21.09 3.03
CA MET B 396 32.21 -20.05 2.13
C MET B 396 32.04 -18.67 2.75
N ALA B 397 30.92 -18.45 3.44
CA ALA B 397 30.66 -17.19 4.15
C ALA B 397 31.74 -16.92 5.17
N ARG B 398 32.01 -17.95 6.00
CA ARG B 398 33.06 -17.79 7.00
C ARG B 398 34.39 -17.45 6.38
N GLU B 399 34.69 -18.10 5.25
CA GLU B 399 36.02 -17.95 4.64
C GLU B 399 36.14 -16.67 3.87
N ARG B 400 35.06 -16.24 3.21
CA ARG B 400 35.20 -15.24 2.13
C ARG B 400 34.38 -14.00 2.39
N ILE B 401 33.40 -14.05 3.29
CA ILE B 401 32.60 -12.82 3.48
C ILE B 401 33.10 -12.09 4.71
N SER B 402 33.58 -10.86 4.59
CA SER B 402 33.99 -10.14 5.82
C SER B 402 32.77 -9.41 6.38
N PHE B 403 32.80 -9.36 7.69
CA PHE B 403 31.71 -8.60 8.28
C PHE B 403 31.84 -7.11 8.01
N GLN B 404 30.67 -6.46 7.94
CA GLN B 404 30.57 -5.01 7.76
C GLN B 404 29.64 -4.53 8.88
N GLY B 405 30.12 -3.65 9.74
CA GLY B 405 29.32 -3.20 10.87
C GLY B 405 29.05 -4.36 11.83
N LEU B 406 27.85 -4.38 12.40
CA LEU B 406 27.54 -5.50 13.28
C LEU B 406 27.68 -6.82 12.53
N PRO B 407 28.35 -7.80 13.10
CA PRO B 407 28.41 -9.14 12.45
C PRO B 407 27.00 -9.66 12.20
N ALA B 408 26.81 -10.17 11.00
CA ALA B 408 25.51 -10.59 10.50
C ALA B 408 25.77 -11.76 9.55
N ARG B 409 24.69 -12.46 9.27
CA ARG B 409 24.73 -13.59 8.35
C ARG B 409 23.51 -13.65 7.44
N ILE B 410 23.78 -13.87 6.16
CA ILE B 410 22.75 -14.22 5.18
C ILE B 410 22.71 -15.74 5.08
N CYS B 411 21.48 -16.28 5.10
CA CYS B 411 21.35 -17.73 4.99
C CYS B 411 19.97 -18.08 4.47
N TRP B 412 19.87 -18.36 3.16
CA TRP B 412 18.63 -18.64 2.46
C TRP B 412 17.97 -19.91 3.01
N VAL B 413 16.83 -19.75 3.70
CA VAL B 413 16.02 -20.86 4.19
C VAL B 413 14.56 -20.44 4.04
N GLY B 414 13.66 -21.44 4.02
CA GLY B 414 12.26 -21.10 3.72
C GLY B 414 11.31 -21.54 4.79
N LEU B 415 10.05 -21.78 4.36
CA LEU B 415 8.99 -22.09 5.31
C LEU B 415 9.27 -23.36 6.09
N GLY B 416 9.22 -23.27 7.42
CA GLY B 416 9.50 -24.40 8.32
C GLY B 416 10.83 -24.16 9.02
N LEU B 417 11.91 -24.02 8.28
CA LEU B 417 13.21 -23.85 8.93
C LEU B 417 13.38 -22.44 9.47
N ARG B 418 12.75 -21.39 8.90
CA ARG B 418 12.95 -20.07 9.50
C ARG B 418 12.55 -20.07 10.98
N ALA B 419 11.39 -20.62 11.29
CA ALA B 419 10.94 -20.60 12.69
C ALA B 419 11.82 -21.51 13.54
N LYS B 420 12.28 -22.64 12.99
CA LYS B 420 13.14 -23.51 13.81
C LYS B 420 14.39 -22.75 14.23
N LEU B 421 14.96 -22.05 13.24
CA LEU B 421 16.19 -21.30 13.49
C LEU B 421 15.90 -20.17 14.49
N GLY B 422 14.84 -19.40 14.28
CA GLY B 422 14.69 -18.26 15.16
C GLY B 422 14.38 -18.72 16.58
N LEU B 423 13.63 -19.80 16.75
CA LEU B 423 13.39 -20.27 18.13
C LEU B 423 14.68 -20.74 18.78
N ALA B 424 15.54 -21.46 18.02
CA ALA B 424 16.83 -21.88 18.56
C ALA B 424 17.69 -20.69 18.94
N PHE B 425 17.76 -19.64 18.10
CA PHE B 425 18.55 -18.46 18.41
C PHE B 425 18.02 -17.79 19.68
N ASN B 426 16.71 -17.75 19.81
CA ASN B 426 16.14 -17.13 21.01
C ASN B 426 16.53 -17.91 22.24
N GLU B 427 16.61 -19.22 22.13
CA GLU B 427 17.06 -20.04 23.26
C GLU B 427 18.54 -19.83 23.58
N MET B 428 19.36 -19.58 22.57
CA MET B 428 20.77 -19.29 22.74
C MET B 428 20.93 -17.97 23.47
N VAL B 429 20.07 -17.02 23.22
CA VAL B 429 20.16 -15.73 23.92
C VAL B 429 19.80 -15.94 25.36
N ARG B 430 18.73 -16.70 25.56
CA ARG B 430 18.24 -16.97 26.90
C ARG B 430 19.28 -17.71 27.74
N SER B 431 20.00 -18.66 27.14
CA SER B 431 21.02 -19.40 27.90
C SER B 431 22.32 -18.66 28.12
N GLY B 432 22.53 -17.57 27.39
CA GLY B 432 23.79 -16.84 27.45
C GLY B 432 24.80 -17.42 26.48
N GLU B 433 24.43 -18.44 25.69
CA GLU B 433 25.40 -18.88 24.70
C GLU B 433 25.67 -17.71 23.73
N LEU B 434 24.65 -16.95 23.33
CA LEU B 434 24.84 -15.68 22.61
C LEU B 434 24.94 -14.54 23.62
N SER B 435 25.86 -13.61 23.32
CA SER B 435 26.20 -12.67 24.41
C SER B 435 25.24 -11.48 24.48
N ALA B 436 24.42 -11.27 23.47
CA ALA B 436 23.37 -10.26 23.48
C ALA B 436 22.27 -10.72 22.52
N PRO B 437 21.07 -10.15 22.51
CA PRO B 437 20.06 -10.53 21.53
C PRO B 437 20.51 -10.42 20.08
N VAL B 438 19.78 -11.16 19.22
CA VAL B 438 19.99 -11.10 17.80
C VAL B 438 18.72 -10.56 17.15
N VAL B 439 18.88 -9.89 16.03
CA VAL B 439 17.71 -9.52 15.22
C VAL B 439 17.63 -10.49 14.04
N ILE B 440 16.40 -10.86 13.68
CA ILE B 440 16.16 -11.67 12.50
C ILE B 440 15.31 -10.90 11.51
N GLY B 441 15.75 -10.82 10.25
CA GLY B 441 15.00 -10.04 9.27
C GLY B 441 15.21 -10.69 7.91
N ARG B 442 15.21 -9.87 6.88
CA ARG B 442 15.29 -10.29 5.49
C ARG B 442 15.30 -9.03 4.63
N ASP B 443 15.69 -9.16 3.38
CA ASP B 443 15.39 -8.14 2.40
C ASP B 443 13.89 -8.06 2.20
N HIS B 444 13.44 -7.01 1.51
CA HIS B 444 12.04 -7.00 1.05
C HIS B 444 11.83 -7.88 -0.19
N LEU B 445 12.91 -8.21 -0.89
CA LEU B 445 12.88 -9.21 -1.94
C LEU B 445 12.70 -10.50 -1.18
N ASP B 446 11.56 -11.12 -1.17
CA ASP B 446 11.31 -12.38 -0.48
C ASP B 446 10.00 -12.91 -1.03
N SER B 447 9.68 -14.16 -0.78
CA SER B 447 8.58 -14.79 -1.54
C SER B 447 7.21 -14.17 -1.37
N GLY B 448 6.91 -13.57 -0.18
CA GLY B 448 5.56 -13.07 0.04
C GLY B 448 5.49 -11.57 0.23
N SER B 449 6.61 -10.88 0.01
CA SER B 449 6.68 -9.49 0.45
C SER B 449 6.89 -8.50 -0.69
N VAL B 450 6.74 -8.86 -1.97
CA VAL B 450 7.04 -7.89 -3.02
C VAL B 450 6.21 -8.20 -4.25
N SER B 451 5.71 -7.12 -4.85
CA SER B 451 5.10 -7.13 -6.16
C SER B 451 5.92 -6.20 -7.05
N SER B 452 6.41 -6.75 -8.15
CA SER B 452 7.38 -6.01 -8.99
C SER B 452 7.41 -6.68 -10.34
N PRO B 453 6.57 -6.29 -11.29
CA PRO B 453 6.47 -7.00 -12.58
C PRO B 453 7.71 -7.00 -13.43
N ASN B 454 8.66 -6.11 -13.19
CA ASN B 454 9.92 -6.15 -13.94
C ASN B 454 11.02 -6.82 -13.11
N ALA B 455 10.66 -7.45 -11.98
CA ALA B 455 11.64 -8.12 -11.14
C ALA B 455 10.96 -9.30 -10.48
N GLU B 456 10.67 -9.30 -9.20
CA GLU B 456 10.31 -10.53 -8.50
C GLU B 456 8.98 -11.14 -8.96
N THR B 457 8.03 -10.40 -9.49
CA THR B 457 6.81 -11.04 -9.97
C THR B 457 6.66 -10.90 -11.49
N GLU B 458 7.81 -10.83 -12.18
CA GLU B 458 7.75 -10.85 -13.65
C GLU B 458 7.26 -12.17 -14.16
N ALA B 459 6.33 -12.17 -15.09
CA ALA B 459 5.90 -13.36 -15.79
C ALA B 459 5.42 -14.43 -14.84
N MET B 460 4.56 -14.04 -13.89
CA MET B 460 3.83 -14.99 -13.08
C MET B 460 2.99 -15.87 -14.02
N ARG B 461 2.90 -17.16 -13.69
CA ARG B 461 2.25 -18.05 -14.67
C ARG B 461 0.80 -17.73 -14.93
N ASP B 462 0.14 -17.05 -13.96
CA ASP B 462 -1.28 -16.72 -14.16
C ASP B 462 -1.49 -15.27 -14.59
N GLY B 463 -0.42 -14.50 -14.84
CA GLY B 463 -0.59 -13.14 -15.32
C GLY B 463 -0.81 -12.16 -14.18
N SER B 464 -0.59 -12.58 -12.94
CA SER B 464 -0.89 -11.69 -11.78
C SER B 464 0.28 -10.80 -11.37
N ASP B 465 1.27 -10.58 -12.25
CA ASP B 465 2.49 -9.83 -11.91
C ASP B 465 2.23 -8.54 -11.12
N ALA B 466 1.26 -7.74 -11.54
CA ALA B 466 1.06 -6.41 -10.94
C ALA B 466 0.18 -6.41 -9.69
N VAL B 467 -0.35 -7.54 -9.24
CA VAL B 467 -1.20 -7.54 -8.05
C VAL B 467 -0.37 -7.27 -6.82
N SER B 468 -0.67 -6.18 -6.11
CA SER B 468 0.16 -5.80 -4.98
C SER B 468 -0.61 -5.92 -3.66
N ASP B 469 -1.77 -6.60 -3.71
CA ASP B 469 -2.38 -6.96 -2.43
C ASP B 469 -1.46 -7.71 -1.48
N TRP B 470 -0.64 -8.59 -2.07
CA TRP B 470 0.13 -9.55 -1.31
C TRP B 470 1.13 -8.89 -0.37
N PRO B 471 2.02 -8.00 -0.78
CA PRO B 471 2.93 -7.38 0.21
C PRO B 471 2.18 -6.58 1.29
N LEU B 472 1.03 -5.99 0.92
CA LEU B 472 0.28 -5.25 1.95
C LEU B 472 -0.29 -6.22 2.97
N LEU B 473 -0.82 -7.38 2.53
CA LEU B 473 -1.26 -8.38 3.50
C LEU B 473 -0.09 -8.91 4.33
N ASN B 474 1.08 -9.09 3.70
CA ASN B 474 2.24 -9.56 4.45
C ASN B 474 2.56 -8.59 5.59
N ALA B 475 2.55 -7.28 5.33
CA ALA B 475 2.88 -6.33 6.40
C ALA B 475 1.81 -6.32 7.49
N LEU B 476 0.55 -6.34 7.05
CA LEU B 476 -0.53 -6.40 8.05
C LEU B 476 -0.38 -7.65 8.95
N LEU B 477 -0.09 -8.78 8.30
CA LEU B 477 0.02 -10.02 9.11
C LEU B 477 1.25 -9.97 9.99
N ASN B 478 2.37 -9.43 9.56
CA ASN B 478 3.54 -9.37 10.45
C ASN B 478 3.25 -8.50 11.66
N THR B 479 2.43 -7.45 11.46
CA THR B 479 2.03 -6.57 12.54
C THR B 479 1.11 -7.34 13.49
N ALA B 480 0.14 -8.07 12.97
CA ALA B 480 -0.75 -8.91 13.78
C ALA B 480 0.01 -9.98 14.58
N GLY B 481 1.12 -10.51 14.00
CA GLY B 481 1.79 -11.63 14.63
C GLY B 481 2.84 -11.20 15.62
N GLY B 482 3.35 -9.96 15.57
CA GLY B 482 4.26 -9.41 16.52
C GLY B 482 5.70 -9.32 16.08
N ALA B 483 5.94 -9.00 14.80
CA ALA B 483 7.30 -8.56 14.45
C ALA B 483 7.65 -7.31 15.22
N THR B 484 8.94 -7.05 15.43
CA THR B 484 9.36 -5.87 16.22
C THR B 484 9.24 -4.58 15.43
N TRP B 485 9.56 -4.59 14.13
CA TRP B 485 9.24 -3.45 13.29
C TRP B 485 8.85 -3.98 11.92
N VAL B 486 7.88 -3.28 11.35
CA VAL B 486 7.27 -3.67 10.10
C VAL B 486 7.25 -2.47 9.15
N SER B 487 7.48 -2.73 7.88
CA SER B 487 7.59 -1.59 6.91
C SER B 487 6.84 -1.93 5.65
N LEU B 488 6.33 -0.86 5.03
CA LEU B 488 5.73 -0.88 3.69
C LEU B 488 6.40 0.20 2.85
N HIS B 489 7.09 -0.22 1.80
CA HIS B 489 7.82 0.69 0.94
C HIS B 489 7.31 0.60 -0.50
N HIS B 490 7.63 1.68 -1.23
CA HIS B 490 7.31 1.71 -2.66
C HIS B 490 8.60 1.99 -3.41
N GLY B 491 8.78 1.28 -4.53
CA GLY B 491 9.80 1.62 -5.49
C GLY B 491 11.18 1.10 -5.21
N GLY B 492 11.36 0.24 -4.20
CA GLY B 492 12.67 -0.38 -3.99
C GLY B 492 13.05 -1.22 -5.22
N GLY B 493 14.36 -1.25 -5.45
CA GLY B 493 14.86 -2.13 -6.50
C GLY B 493 14.75 -1.46 -7.86
N VAL B 494 13.49 -1.33 -8.29
CA VAL B 494 13.19 -0.94 -9.65
C VAL B 494 12.80 0.54 -9.76
N GLY B 495 12.66 1.28 -8.68
CA GLY B 495 12.38 2.73 -8.75
C GLY B 495 10.89 3.05 -8.70
N MET B 496 10.61 4.35 -8.59
CA MET B 496 9.26 4.89 -8.42
C MET B 496 8.33 4.32 -9.53
N GLY B 497 7.18 3.81 -9.08
CA GLY B 497 6.21 3.33 -10.03
C GLY B 497 6.18 1.83 -10.17
N PHE B 498 7.28 1.16 -9.79
CA PHE B 498 7.44 -0.19 -10.32
C PHE B 498 7.42 -1.30 -9.27
N SER B 499 7.34 -1.00 -7.97
CA SER B 499 7.26 -2.08 -7.01
C SER B 499 6.56 -1.55 -5.74
N GLN B 500 5.98 -2.52 -5.02
CA GLN B 500 5.51 -2.28 -3.66
C GLN B 500 5.95 -3.48 -2.83
N HIS B 501 6.34 -3.24 -1.58
CA HIS B 501 6.96 -4.34 -0.85
C HIS B 501 6.99 -4.07 0.64
N SER B 502 7.16 -5.16 1.41
CA SER B 502 7.08 -5.07 2.86
C SER B 502 8.36 -5.61 3.49
N GLY B 503 8.62 -5.17 4.70
CA GLY B 503 9.76 -5.60 5.49
C GLY B 503 9.29 -6.03 6.88
N MET B 504 10.11 -6.84 7.53
CA MET B 504 9.86 -7.21 8.91
C MET B 504 11.22 -7.47 9.57
N VAL B 505 11.31 -7.16 10.84
CA VAL B 505 12.42 -7.58 11.67
C VAL B 505 11.85 -8.04 13.01
N ILE B 506 12.40 -9.09 13.61
CA ILE B 506 11.96 -9.51 14.94
C ILE B 506 13.16 -9.75 15.80
N VAL B 507 13.09 -9.26 17.03
CA VAL B 507 14.17 -9.41 17.98
C VAL B 507 13.99 -10.67 18.81
N CYS B 508 15.09 -11.41 18.93
CA CYS B 508 15.22 -12.57 19.78
C CYS B 508 15.93 -12.18 21.08
N ASP B 509 15.10 -11.88 22.08
CA ASP B 509 15.72 -11.36 23.32
C ASP B 509 15.78 -12.41 24.42
N GLY B 510 15.54 -13.67 24.07
CA GLY B 510 15.65 -14.76 25.04
C GLY B 510 14.37 -15.00 25.83
N THR B 511 13.36 -14.14 25.72
CA THR B 511 12.19 -14.29 26.57
C THR B 511 11.15 -15.22 26.01
N ASP B 512 10.27 -15.71 26.87
CA ASP B 512 9.17 -16.56 26.45
C ASP B 512 8.19 -15.82 25.53
N GLU B 513 8.00 -14.53 25.83
CA GLU B 513 7.09 -13.75 24.99
C GLU B 513 7.63 -13.63 23.58
N ALA B 514 8.97 -13.42 23.49
CA ALA B 514 9.55 -13.38 22.12
C ALA B 514 9.37 -14.70 21.43
N ALA B 515 9.56 -15.81 22.17
CA ALA B 515 9.43 -17.11 21.54
C ALA B 515 8.04 -17.27 20.93
N GLU B 516 6.98 -16.83 21.64
CA GLU B 516 5.63 -16.98 21.09
C GLU B 516 5.45 -16.16 19.81
N ARG B 517 5.98 -14.94 19.84
CA ARG B 517 5.92 -14.12 18.63
C ARG B 517 6.72 -14.75 17.48
N ILE B 518 7.93 -15.20 17.80
CA ILE B 518 8.83 -15.73 16.77
C ILE B 518 8.19 -16.91 16.06
N ALA B 519 7.56 -17.81 16.84
CA ALA B 519 7.04 -19.02 16.25
C ALA B 519 5.96 -18.67 15.25
N ARG B 520 5.13 -17.65 15.55
CA ARG B 520 4.06 -17.45 14.53
C ARG B 520 4.61 -16.54 13.44
N VAL B 521 5.44 -15.55 13.78
CA VAL B 521 5.86 -14.63 12.73
C VAL B 521 6.79 -15.27 11.70
N LEU B 522 7.70 -16.11 12.12
CA LEU B 522 8.62 -16.79 11.19
C LEU B 522 7.95 -17.98 10.53
N THR B 523 6.74 -18.35 10.93
CA THR B 523 5.89 -19.24 10.11
C THR B 523 5.12 -18.44 9.08
N ASN B 524 4.47 -17.38 9.54
CA ASN B 524 3.53 -16.62 8.69
C ASN B 524 4.25 -15.85 7.60
N ASP B 525 5.43 -15.29 7.89
CA ASP B 525 6.08 -14.43 6.89
C ASP B 525 6.47 -15.25 5.67
N PRO B 526 7.21 -16.35 5.72
CA PRO B 526 7.41 -17.19 4.53
C PRO B 526 6.13 -17.88 4.10
N GLY B 527 5.21 -18.16 5.02
CA GLY B 527 3.92 -18.77 4.69
C GLY B 527 3.13 -17.95 3.68
N THR B 528 3.20 -16.60 3.81
CA THR B 528 2.49 -15.75 2.85
C THR B 528 3.11 -15.86 1.46
N GLY B 529 4.41 -16.15 1.34
CA GLY B 529 5.00 -16.32 0.04
C GLY B 529 4.62 -17.65 -0.62
N VAL B 530 4.58 -18.70 0.20
CA VAL B 530 4.11 -20.00 -0.30
C VAL B 530 2.66 -19.83 -0.70
N MET B 531 1.83 -19.15 0.11
CA MET B 531 0.44 -18.88 -0.27
C MET B 531 0.36 -18.13 -1.57
N ARG B 532 1.16 -17.08 -1.74
CA ARG B 532 1.03 -16.25 -2.94
C ARG B 532 1.38 -17.08 -4.20
N HIS B 533 2.41 -17.92 -4.10
CA HIS B 533 2.81 -18.70 -5.27
C HIS B 533 1.83 -19.87 -5.49
N ALA B 534 1.27 -20.41 -4.38
CA ALA B 534 0.21 -21.40 -4.52
C ALA B 534 -1.02 -20.82 -5.20
N ASP B 535 -1.36 -19.58 -4.83
CA ASP B 535 -2.51 -18.94 -5.45
C ASP B 535 -2.31 -18.78 -6.96
N ALA B 536 -1.08 -18.51 -7.40
CA ALA B 536 -0.73 -18.34 -8.80
C ALA B 536 -0.75 -19.70 -9.49
N GLY B 537 -0.77 -20.79 -8.73
CA GLY B 537 -0.95 -22.14 -9.29
C GLY B 537 0.34 -22.88 -9.47
N TYR B 538 1.45 -22.51 -8.84
CA TYR B 538 2.71 -23.24 -8.89
C TYR B 538 2.59 -24.51 -8.05
N ASP B 539 2.66 -25.63 -8.77
CA ASP B 539 2.55 -26.91 -8.06
C ASP B 539 3.58 -27.07 -6.98
N ILE B 540 4.83 -26.57 -7.13
CA ILE B 540 5.83 -26.66 -6.07
C ILE B 540 5.39 -25.94 -4.79
N ALA B 541 4.71 -24.79 -5.00
CA ALA B 541 4.19 -24.06 -3.85
C ALA B 541 3.01 -24.74 -3.18
N ILE B 542 2.12 -25.30 -3.99
CA ILE B 542 1.02 -26.09 -3.43
C ILE B 542 1.56 -27.29 -2.65
N ASP B 543 2.58 -27.96 -3.21
CA ASP B 543 3.17 -29.09 -2.46
C ASP B 543 3.74 -28.60 -1.14
N CYS B 544 4.48 -27.48 -1.17
CA CYS B 544 5.06 -26.95 0.05
C CYS B 544 4.01 -26.61 1.08
N ALA B 545 2.92 -25.96 0.62
CA ALA B 545 1.82 -25.60 1.52
C ALA B 545 1.24 -26.84 2.21
N LYS B 546 1.09 -27.94 1.44
CA LYS B 546 0.55 -29.16 2.05
C LYS B 546 1.53 -29.77 3.03
N GLU B 547 2.82 -29.83 2.76
CA GLU B 547 3.86 -30.34 3.63
C GLU B 547 3.90 -29.60 4.96
N GLN B 548 3.69 -28.28 4.84
CA GLN B 548 3.89 -27.38 5.96
C GLN B 548 2.54 -27.18 6.65
N GLY B 549 1.45 -27.74 6.19
CA GLY B 549 0.17 -27.64 6.89
C GLY B 549 -0.41 -26.25 6.80
N LEU B 550 -0.17 -25.51 5.71
CA LEU B 550 -0.83 -24.18 5.61
C LEU B 550 -2.34 -24.36 5.37
N ASP B 551 -3.08 -23.35 5.87
CA ASP B 551 -4.54 -23.33 5.70
C ASP B 551 -4.87 -22.32 4.62
N LEU B 552 -5.08 -22.80 3.41
CA LEU B 552 -5.31 -21.97 2.23
C LEU B 552 -6.73 -22.26 1.73
N PRO B 553 -7.72 -21.53 2.16
CA PRO B 553 -9.12 -21.93 1.95
C PRO B 553 -9.49 -22.30 0.53
N MET B 554 -8.94 -21.63 -0.50
CA MET B 554 -9.37 -21.86 -1.87
C MET B 554 -8.57 -23.02 -2.46
N ILE B 555 -7.58 -23.55 -1.77
CA ILE B 555 -6.81 -24.71 -2.24
C ILE B 555 -6.95 -25.95 -1.36
N THR B 556 -6.78 -25.80 -0.06
CA THR B 556 -6.93 -26.87 0.93
C THR B 556 -8.29 -26.88 1.62
N GLY B 557 -9.16 -25.91 1.38
CA GLY B 557 -10.58 -25.99 1.74
C GLY B 557 -11.05 -25.05 2.81
PA NAD C . -23.31 3.95 -8.54
O1A NAD C . -24.16 3.11 -7.61
O2A NAD C . -22.47 3.29 -9.55
O5B NAD C . -24.31 5.01 -9.24
C5B NAD C . -23.89 5.89 -10.27
C4B NAD C . -25.16 6.46 -10.86
O4B NAD C . -24.75 7.37 -11.91
C3B NAD C . -25.98 5.35 -11.57
O3B NAD C . -27.26 5.25 -10.93
C2B NAD C . -25.99 5.77 -13.02
O2B NAD C . -27.24 5.46 -13.71
C1B NAD C . -25.76 7.26 -12.92
N9A NAD C . -25.23 7.85 -14.16
C8A NAD C . -24.12 7.47 -14.79
N7A NAD C . -23.92 8.25 -15.87
C5A NAD C . -24.94 9.13 -15.88
C6A NAD C . -25.18 10.20 -16.75
N6A NAD C . -24.44 10.49 -17.80
N1A NAD C . -26.31 10.97 -16.43
C2A NAD C . -27.11 10.65 -15.34
N3A NAD C . -26.87 9.63 -14.55
C4A NAD C . -25.77 8.89 -14.83
O3 NAD C . -22.30 4.87 -7.72
PN NAD C . -22.48 5.61 -6.30
O1N NAD C . -23.74 6.48 -6.34
O2N NAD C . -22.37 4.63 -5.22
O5D NAD C . -21.17 6.54 -6.32
C5D NAD C . -21.22 7.67 -7.21
C4D NAD C . -19.80 8.26 -7.33
O4D NAD C . -19.41 8.81 -6.06
C3D NAD C . -18.74 7.19 -7.65
O3D NAD C . -17.79 7.81 -8.52
C2D NAD C . -18.11 6.93 -6.27
O2D NAD C . -16.79 6.39 -6.40
C1D NAD C . -18.07 8.35 -5.75
N1N NAD C . -17.87 8.65 -4.39
C2N NAD C . -16.97 9.65 -4.05
C3N NAD C . -16.92 10.04 -2.73
C7N NAD C . -16.15 11.03 -2.10
O7N NAD C . -16.23 11.27 -0.85
N7N NAD C . -15.25 11.80 -2.69
C4N NAD C . -17.74 9.38 -1.80
C5N NAD C . -18.61 8.37 -2.17
C6N NAD C . -18.71 8.03 -3.50
OAA URO D . 19.77 -5.47 2.28
CAI URO D . 19.53 -5.86 1.14
OAB URO D . 19.84 -7.05 0.92
CAC URO D . 18.93 -4.99 0.23
CAD URO D . 18.26 -5.07 -0.92
CAJ URO D . 17.40 -4.67 -1.88
CAF URO D . 16.78 -5.44 -2.74
NAH URO D . 16.33 -4.69 -3.75
CAE URO D . 16.63 -3.40 -3.50
NAG URO D . 17.24 -3.42 -2.35
PA NAD E . 24.45 2.00 -5.85
O1A NAD E . 25.12 1.88 -4.47
O2A NAD E . 23.72 3.24 -6.21
O5B NAD E . 25.55 1.67 -6.93
C5B NAD E . 25.28 1.88 -8.31
C4B NAD E . 26.68 1.79 -8.96
O4B NAD E . 26.46 1.86 -10.38
C3B NAD E . 27.54 2.98 -8.57
O3B NAD E . 28.74 2.55 -7.93
C2B NAD E . 27.80 3.70 -9.89
O2B NAD E . 29.07 4.28 -10.02
C1B NAD E . 27.59 2.59 -10.90
N9A NAD E . 27.28 3.06 -12.25
C8A NAD E . 26.29 3.90 -12.57
N7A NAD E . 26.24 4.11 -13.88
C5A NAD E . 27.24 3.35 -14.40
C6A NAD E . 27.66 3.16 -15.72
N6A NAD E . 27.10 3.73 -16.79
N1A NAD E . 28.75 2.31 -15.88
C2A NAD E . 29.31 1.70 -14.77
N3A NAD E . 28.94 1.87 -13.53
C4A NAD E . 27.90 2.71 -13.39
O3 NAD E . 23.35 0.82 -6.02
PN NAD E . 23.41 -0.71 -5.50
O1N NAD E . 24.69 -1.36 -6.00
O2N NAD E . 23.12 -0.77 -4.03
O5D NAD E . 22.18 -1.29 -6.31
C5D NAD E . 22.36 -1.49 -7.74
C4D NAD E . 21.03 -1.73 -8.43
O4D NAD E . 20.51 -2.99 -8.00
C3D NAD E . 19.96 -0.69 -8.03
O3D NAD E . 19.15 -0.46 -9.20
C2D NAD E . 19.10 -1.46 -7.01
O2D NAD E . 17.82 -0.90 -6.79
C1D NAD E . 19.05 -2.79 -7.76
N1N NAD E . 18.75 -3.96 -7.08
C2N NAD E . 18.17 -5.10 -7.63
C3N NAD E . 17.98 -6.27 -6.93
C7N NAD E . 17.50 -7.51 -7.34
O7N NAD E . 17.39 -8.55 -6.67
N7N NAD E . 17.15 -7.55 -8.61
C4N NAD E . 18.35 -6.36 -5.61
C5N NAD E . 18.94 -5.26 -5.14
C6N NAD E . 19.17 -4.08 -5.79
OAA URO F . -20.12 5.65 3.13
CAI URO F . -19.77 4.66 2.51
OAB URO F . -20.02 3.52 2.93
CAC URO F . -19.13 4.68 1.26
CAD URO F . -18.36 5.59 0.66
CAJ URO F . -17.41 5.81 -0.29
CAF URO F . -16.53 6.80 -0.22
NAH URO F . -15.93 6.95 -1.41
CAE URO F . -16.35 5.98 -2.22
NAG URO F . -17.23 5.32 -1.49
#